data_3HRR
#
_entry.id   3HRR
#
_cell.length_a   88.809
_cell.length_b   90.609
_cell.length_c   90.660
_cell.angle_alpha   90.000
_cell.angle_beta   90.000
_cell.angle_gamma   90.000
#
_symmetry.space_group_name_H-M   'P 21 21 21'
#
loop_
_entity.id
_entity.type
_entity.pdbx_description
1 polymer 'Aflatoxin biosynthesis polyketide synthase'
2 non-polymer 1-(3-acetyl-4,5-dihydroxy-7-methoxynaphthalen-2-yl)propan-2-one
3 water water
#
_entity_poly.entity_id   1
_entity_poly.type   'polypeptide(L)'
_entity_poly.pdbx_seq_one_letter_code
;EIKTTTTLHRVVEETTKPLGATLVVETDISRKDVNGLARGHLVDGIPLCTPSFYADIAMQVGQYSMQRLRAGHPGAGAID
GLVDVSDMVVDKALVPHGKGPQLLRTTLTMEWPPKAAATTRSAKVKFATYFADGKLDTEHASCTVRFTSDAQLKSLRRSV
SEYKTHIRQLHDGHAKGQFMRYNRKTGYKLMSSMARFNPDYMLLDYLVLNEAENEAASGVDFSLGSSEGTFAAHPAHVDA
ITQVAGFAMNANDNVDIEKQVYVNHGWDSFQIYQPLDNSKSYQVYTKMGQAKENDLVHGDVVVLDGEQIVAFFRGLTLRS
VPRGALRVVLQTTVKKADRQLGFKTMPSPPPPTTTM
;
_entity_poly.pdbx_strand_id   A,B
#
loop_
_chem_comp.id
_chem_comp.type
_chem_comp.name
_chem_comp.formula
HC8 non-polymer 1-(3-acetyl-4,5-dihydroxy-7-methoxynaphthalen-2-yl)propan-2-one 'C16 H16 O5'
#
# COMPACT_ATOMS: atom_id res chain seq x y z
N GLU A 1 -13.83 -11.91 44.22
CA GLU A 1 -14.65 -12.11 42.97
C GLU A 1 -13.94 -11.41 41.81
N ILE A 2 -14.21 -11.87 40.58
CA ILE A 2 -13.45 -11.42 39.42
C ILE A 2 -13.78 -9.97 39.14
N LYS A 3 -12.75 -9.16 39.02
CA LYS A 3 -12.94 -7.76 38.71
C LYS A 3 -13.48 -7.59 37.28
N THR A 4 -14.59 -6.87 37.11
CA THR A 4 -15.06 -6.56 35.74
C THR A 4 -14.25 -5.41 35.14
N THR A 5 -14.14 -5.39 33.80
CA THR A 5 -13.22 -4.48 33.12
C THR A 5 -13.85 -4.03 31.80
N THR A 6 -13.11 -3.27 31.00
CA THR A 6 -13.60 -2.85 29.67
C THR A 6 -13.88 -4.08 28.81
N THR A 7 -13.07 -5.13 28.97
CA THR A 7 -13.24 -6.32 28.15
C THR A 7 -13.85 -7.58 28.80
N LEU A 8 -14.29 -7.46 30.06
CA LEU A 8 -14.96 -8.56 30.76
C LEU A 8 -16.09 -7.93 31.59
N HIS A 9 -17.33 -8.23 31.22
CA HIS A 9 -18.46 -7.41 31.72
C HIS A 9 -19.26 -8.02 32.86
N ARG A 10 -19.40 -9.35 32.84
CA ARG A 10 -20.15 -10.04 33.88
C ARG A 10 -19.82 -11.54 33.97
N VAL A 11 -20.04 -12.11 35.14
CA VAL A 11 -19.91 -13.55 35.35
C VAL A 11 -21.24 -14.17 35.00
N VAL A 12 -21.23 -15.16 34.13
CA VAL A 12 -22.44 -15.85 33.74
C VAL A 12 -22.68 -17.06 34.64
N GLU A 13 -21.59 -17.76 34.97
CA GLU A 13 -21.63 -18.98 35.73
C GLU A 13 -20.29 -19.16 36.43
N GLU A 14 -20.33 -19.66 37.66
CA GLU A 14 -19.10 -19.93 38.40
C GLU A 14 -19.36 -21.08 39.39
N THR A 15 -18.88 -22.26 39.03
CA THR A 15 -19.11 -23.48 39.79
C THR A 15 -17.78 -24.15 40.14
N THR A 16 -17.50 -24.28 41.45
CA THR A 16 -16.41 -25.16 41.90
C THR A 16 -16.98 -26.51 42.31
N LYS A 17 -16.16 -27.54 42.23
CA LYS A 17 -16.60 -28.93 42.28
C LYS A 17 -15.46 -29.72 42.97
N PRO A 18 -15.74 -30.96 43.43
CA PRO A 18 -14.67 -31.89 43.83
C PRO A 18 -13.55 -32.11 42.78
N LEU A 19 -13.93 -32.42 41.53
CA LEU A 19 -12.93 -32.72 40.48
C LEU A 19 -12.67 -31.60 39.43
N GLY A 20 -12.97 -30.36 39.81
CA GLY A 20 -12.76 -29.23 38.90
C GLY A 20 -13.68 -28.04 39.09
N ALA A 21 -13.64 -27.14 38.11
CA ALA A 21 -14.40 -25.89 38.14
C ALA A 21 -14.66 -25.33 36.74
N THR A 22 -15.80 -24.65 36.58
CA THR A 22 -16.18 -23.96 35.34
C THR A 22 -16.43 -22.50 35.70
N LEU A 23 -15.87 -21.59 34.89
CA LEU A 23 -16.12 -20.15 35.02
C LEU A 23 -16.47 -19.58 33.66
N VAL A 24 -17.67 -19.02 33.55
CA VAL A 24 -18.15 -18.48 32.29
C VAL A 24 -18.37 -16.98 32.48
N VAL A 25 -17.67 -16.19 31.67
CA VAL A 25 -17.80 -14.72 31.71
C VAL A 25 -18.35 -14.22 30.37
N GLU A 26 -18.83 -12.98 30.37
CA GLU A 26 -19.50 -12.46 29.20
C GLU A 26 -19.01 -11.04 28.91
N THR A 27 -18.87 -10.74 27.63
CA THR A 27 -18.48 -9.41 27.19
C THR A 27 -19.38 -9.03 26.06
N ASP A 28 -20.16 -7.98 26.27
CA ASP A 28 -20.97 -7.45 25.19
C ASP A 28 -20.07 -6.55 24.37
N ILE A 29 -19.63 -7.06 23.23
CA ILE A 29 -18.73 -6.28 22.39
C ILE A 29 -19.40 -5.06 21.69
N SER A 30 -20.73 -4.97 21.73
CA SER A 30 -21.45 -3.73 21.31
C SER A 30 -21.45 -2.62 22.39
N ARG A 31 -21.12 -2.96 23.64
CA ARG A 31 -21.18 -1.94 24.69
C ARG A 31 -20.29 -0.77 24.33
N LYS A 32 -20.73 0.44 24.62
CA LYS A 32 -20.08 1.62 24.06
C LYS A 32 -18.61 1.88 24.41
N ASP A 33 -18.18 1.45 25.60
CA ASP A 33 -16.77 1.59 26.00
C ASP A 33 -15.83 0.60 25.29
N VAL A 34 -16.39 -0.46 24.75
CA VAL A 34 -15.54 -1.54 24.18
C VAL A 34 -15.68 -1.73 22.66
N ASN A 35 -16.76 -1.22 22.08
CA ASN A 35 -17.03 -1.56 20.70
C ASN A 35 -15.97 -1.04 19.72
N GLY A 36 -15.53 0.19 19.96
CA GLY A 36 -14.42 0.77 19.22
C GLY A 36 -13.18 -0.09 19.23
N LEU A 37 -12.81 -0.52 20.44
CA LEU A 37 -11.64 -1.34 20.72
C LEU A 37 -11.75 -2.69 20.08
N ALA A 38 -12.95 -3.26 20.11
CA ALA A 38 -13.19 -4.57 19.55
C ALA A 38 -12.94 -4.57 18.02
N ARG A 39 -13.11 -3.41 17.38
CA ARG A 39 -12.94 -3.29 15.94
C ARG A 39 -11.48 -2.91 15.62
N GLY A 40 -10.57 -3.87 15.79
CA GLY A 40 -9.13 -3.60 15.67
C GLY A 40 -8.61 -3.48 14.26
N HIS A 41 -9.07 -4.36 13.37
CA HIS A 41 -8.59 -4.37 11.97
C HIS A 41 -9.81 -4.21 11.07
N LEU A 42 -9.59 -3.83 9.83
CA LEU A 42 -10.69 -3.70 8.90
C LEU A 42 -10.27 -4.28 7.56
N VAL A 43 -10.95 -5.33 7.10
CA VAL A 43 -10.60 -5.96 5.84
C VAL A 43 -11.80 -5.89 4.91
N ASP A 44 -11.60 -5.27 3.75
CA ASP A 44 -12.70 -5.08 2.78
C ASP A 44 -13.94 -4.46 3.44
N GLY A 45 -13.72 -3.41 4.23
CA GLY A 45 -14.77 -2.74 5.02
C GLY A 45 -15.42 -3.54 6.15
N ILE A 46 -14.94 -4.76 6.39
CA ILE A 46 -15.50 -5.61 7.45
C ILE A 46 -14.64 -5.49 8.71
N PRO A 47 -15.23 -5.02 9.84
CA PRO A 47 -14.42 -4.91 11.08
C PRO A 47 -14.15 -6.27 11.69
N LEU A 48 -12.97 -6.43 12.31
CA LEU A 48 -12.57 -7.69 12.92
C LEU A 48 -11.98 -7.50 14.30
N CYS A 49 -12.40 -8.35 15.24
CA CYS A 49 -11.77 -8.49 16.55
C CYS A 49 -10.42 -9.22 16.40
N THR A 50 -9.37 -8.73 17.07
CA THR A 50 -8.02 -9.30 16.95
C THR A 50 -7.81 -10.40 18.01
N PRO A 51 -6.90 -11.37 17.74
CA PRO A 51 -6.57 -12.37 18.77
C PRO A 51 -6.18 -11.77 20.12
N SER A 52 -5.54 -10.60 20.11
CA SER A 52 -5.18 -9.91 21.35
C SER A 52 -6.40 -9.62 22.26
N PHE A 53 -7.57 -9.53 21.65
CA PHE A 53 -8.80 -9.27 22.43
C PHE A 53 -9.10 -10.50 23.31
N TYR A 54 -8.99 -11.69 22.73
CA TYR A 54 -9.16 -12.93 23.49
C TYR A 54 -8.03 -13.07 24.52
N ALA A 55 -6.81 -12.70 24.14
CA ALA A 55 -5.66 -12.84 25.05
C ALA A 55 -5.87 -11.99 26.29
N ASP A 56 -6.44 -10.80 26.12
CA ASP A 56 -6.67 -9.92 27.29
C ASP A 56 -7.63 -10.64 28.27
N ILE A 57 -8.72 -11.19 27.76
CA ILE A 57 -9.74 -11.84 28.60
C ILE A 57 -9.14 -13.09 29.25
N ALA A 58 -8.36 -13.82 28.46
CA ALA A 58 -7.63 -15.00 28.96
C ALA A 58 -6.71 -14.68 30.13
N MET A 59 -5.91 -13.62 30.03
CA MET A 59 -5.07 -13.17 31.13
C MET A 59 -5.94 -12.86 32.35
N GLN A 60 -7.10 -12.24 32.13
CA GLN A 60 -7.94 -11.84 33.26
C GLN A 60 -8.54 -13.05 33.99
N VAL A 61 -9.13 -13.96 33.25
CA VAL A 61 -9.77 -15.15 33.85
C VAL A 61 -8.69 -16.11 34.44
N GLY A 62 -7.55 -16.19 33.74
CA GLY A 62 -6.34 -16.90 34.26
C GLY A 62 -5.78 -16.31 35.55
N GLN A 63 -5.52 -14.99 35.58
CA GLN A 63 -5.01 -14.34 36.79
C GLN A 63 -5.99 -14.55 37.95
N TYR A 64 -7.29 -14.43 37.66
CA TYR A 64 -8.31 -14.61 38.69
C TYR A 64 -8.31 -16.05 39.24
N SER A 65 -8.42 -17.01 38.33
CA SER A 65 -8.35 -18.42 38.66
C SER A 65 -7.09 -18.80 39.47
N MET A 66 -5.94 -18.27 39.06
CA MET A 66 -4.69 -18.55 39.75
C MET A 66 -4.67 -17.97 41.15
N GLN A 67 -5.15 -16.73 41.28
CA GLN A 67 -5.19 -16.02 42.56
C GLN A 67 -6.15 -16.68 43.57
N ARG A 68 -7.29 -17.17 43.08
CA ARG A 68 -8.32 -17.76 43.93
C ARG A 68 -8.01 -19.19 44.45
N LEU A 69 -7.01 -19.84 43.86
CA LEU A 69 -6.54 -21.12 44.37
C LEU A 69 -5.17 -21.01 45.08
N ARG A 70 -4.48 -19.90 44.83
CA ARG A 70 -3.01 -19.79 44.89
C ARG A 70 -2.27 -20.98 44.29
N GLY A 81 4.22 -16.41 39.56
CA GLY A 81 2.95 -15.65 39.51
C GLY A 81 2.44 -15.37 38.11
N LEU A 82 3.09 -15.98 37.11
CA LEU A 82 2.90 -15.61 35.71
C LEU A 82 1.79 -16.44 35.06
N VAL A 83 0.91 -15.77 34.32
CA VAL A 83 -0.06 -16.44 33.49
C VAL A 83 0.50 -16.46 32.05
N ASP A 84 0.53 -17.63 31.44
CA ASP A 84 0.89 -17.73 30.03
C ASP A 84 -0.37 -18.03 29.25
N VAL A 85 -0.68 -17.20 28.25
CA VAL A 85 -1.79 -17.47 27.34
C VAL A 85 -1.19 -18.36 26.24
N SER A 86 -1.34 -19.67 26.41
CA SER A 86 -0.62 -20.62 25.58
C SER A 86 -1.58 -21.33 24.61
N ASP A 87 -1.01 -21.98 23.58
CA ASP A 87 -1.85 -22.78 22.68
C ASP A 87 -3.05 -22.02 22.15
N MET A 88 -2.85 -20.76 21.75
CA MET A 88 -3.95 -19.93 21.21
C MET A 88 -4.20 -20.37 19.78
N VAL A 89 -5.45 -20.70 19.51
CA VAL A 89 -5.87 -21.09 18.19
C VAL A 89 -7.05 -20.22 17.80
N VAL A 90 -6.90 -19.46 16.72
CA VAL A 90 -7.98 -18.59 16.26
C VAL A 90 -8.62 -19.29 15.05
N ASP A 91 -9.85 -19.76 15.22
CA ASP A 91 -10.50 -20.56 14.16
C ASP A 91 -11.41 -19.76 13.21
N LYS A 92 -12.24 -18.88 13.77
CA LYS A 92 -13.23 -18.16 12.98
C LYS A 92 -13.23 -16.68 13.33
N ALA A 93 -13.29 -15.85 12.29
CA ALA A 93 -13.41 -14.39 12.43
C ALA A 93 -14.56 -13.98 13.33
N LEU A 94 -14.32 -12.93 14.10
CA LEU A 94 -15.37 -12.30 14.87
C LEU A 94 -15.55 -10.89 14.35
N VAL A 95 -16.75 -10.59 13.85
CA VAL A 95 -17.09 -9.27 13.25
C VAL A 95 -17.99 -8.51 14.22
N PRO A 96 -17.43 -7.48 14.89
CA PRO A 96 -18.24 -6.74 15.84
C PRO A 96 -19.15 -5.78 15.09
N HIS A 97 -20.39 -6.22 14.87
CA HIS A 97 -21.40 -5.47 14.11
C HIS A 97 -21.91 -4.17 14.76
N GLY A 98 -21.92 -4.10 16.09
CA GLY A 98 -22.37 -2.92 16.80
C GLY A 98 -23.87 -2.63 16.69
N LYS A 99 -24.67 -3.67 16.44
CA LYS A 99 -26.12 -3.56 16.23
C LYS A 99 -26.88 -4.41 17.22
N GLY A 100 -26.99 -3.93 18.45
CA GLY A 100 -27.61 -4.73 19.49
C GLY A 100 -26.55 -5.57 20.18
N PRO A 101 -26.90 -6.24 21.30
CA PRO A 101 -25.90 -6.98 22.06
C PRO A 101 -25.21 -8.04 21.18
N GLN A 102 -23.92 -8.23 21.40
CA GLN A 102 -23.19 -9.32 20.74
C GLN A 102 -22.31 -9.89 21.83
N LEU A 103 -22.76 -11.02 22.36
CA LEU A 103 -22.21 -11.51 23.62
C LEU A 103 -21.13 -12.53 23.40
N LEU A 104 -19.90 -12.12 23.67
CA LEU A 104 -18.75 -13.01 23.67
C LEU A 104 -18.64 -13.66 25.05
N ARG A 105 -18.79 -15.00 25.05
CA ARG A 105 -18.76 -15.82 26.23
C ARG A 105 -17.39 -16.47 26.30
N THR A 106 -16.68 -16.28 27.40
CA THR A 106 -15.38 -16.90 27.58
C THR A 106 -15.58 -17.95 28.67
N THR A 107 -15.34 -19.22 28.32
CA THR A 107 -15.54 -20.32 29.24
C THR A 107 -14.20 -20.94 29.65
N LEU A 108 -13.90 -20.88 30.93
CA LEU A 108 -12.68 -21.43 31.50
C LEU A 108 -13.07 -22.69 32.28
N THR A 109 -12.35 -23.77 32.04
CA THR A 109 -12.57 -25.02 32.76
C THR A 109 -11.27 -25.55 33.36
N MET A 110 -11.36 -26.03 34.60
CA MET A 110 -10.23 -26.67 35.26
C MET A 110 -10.63 -28.04 35.79
N GLU A 111 -9.67 -28.95 35.84
CA GLU A 111 -9.87 -30.32 36.35
C GLU A 111 -8.72 -30.65 37.29
N TRP A 112 -8.98 -31.50 38.30
CA TRP A 112 -7.95 -31.81 39.31
C TRP A 112 -8.28 -33.05 40.16
N PRO A 113 -7.30 -33.52 40.98
CA PRO A 113 -7.54 -34.58 41.98
C PRO A 113 -8.27 -34.05 43.22
N PRO A 114 -8.93 -34.94 43.94
CA PRO A 114 -9.54 -34.60 45.24
C PRO A 114 -8.56 -33.83 46.13
N LYS A 115 -8.91 -32.60 46.48
CA LYS A 115 -8.22 -31.88 47.53
C LYS A 115 -6.92 -31.27 47.02
N ALA A 116 -6.68 -31.39 45.71
CA ALA A 116 -5.42 -30.97 45.11
C ALA A 116 -5.62 -29.78 44.18
N ALA A 117 -6.79 -29.16 44.27
CA ALA A 117 -7.11 -28.00 43.43
C ALA A 117 -6.00 -26.96 43.38
N ALA A 118 -5.33 -26.77 44.51
CA ALA A 118 -4.30 -25.77 44.68
C ALA A 118 -3.05 -26.04 43.81
N THR A 119 -2.87 -27.28 43.37
CA THR A 119 -1.70 -27.64 42.57
C THR A 119 -1.93 -27.38 41.07
N THR A 120 -3.10 -26.88 40.71
CA THR A 120 -3.51 -26.82 39.29
C THR A 120 -2.69 -25.79 38.55
N ARG A 121 -2.16 -26.20 37.39
CA ARG A 121 -1.23 -25.38 36.67
C ARG A 121 -1.70 -24.96 35.26
N SER A 122 -2.90 -25.38 34.86
CA SER A 122 -3.46 -24.90 33.61
C SER A 122 -4.98 -24.96 33.61
N ALA A 123 -5.60 -24.27 32.65
CA ALA A 123 -7.04 -24.25 32.46
C ALA A 123 -7.33 -24.10 30.98
N LYS A 124 -8.35 -24.80 30.50
CA LYS A 124 -8.81 -24.65 29.13
C LYS A 124 -9.79 -23.49 28.96
N VAL A 125 -9.54 -22.66 27.95
CA VAL A 125 -10.38 -21.46 27.70
C VAL A 125 -10.95 -21.51 26.28
N LYS A 126 -12.25 -21.22 26.16
CA LYS A 126 -12.92 -21.19 24.85
C LYS A 126 -13.64 -19.84 24.68
N PHE A 127 -13.66 -19.33 23.46
CA PHE A 127 -14.24 -18.01 23.15
C PHE A 127 -15.33 -18.20 22.07
N ALA A 128 -16.58 -17.90 22.40
CA ALA A 128 -17.66 -18.15 21.46
C ALA A 128 -18.66 -17.03 21.65
N THR A 129 -19.23 -16.54 20.56
CA THR A 129 -20.28 -15.52 20.69
C THR A 129 -21.65 -16.18 20.76
N TYR A 130 -22.53 -15.55 21.53
CA TYR A 130 -23.91 -15.99 21.71
C TYR A 130 -24.87 -14.82 21.40
N PHE A 131 -26.06 -15.16 20.92
CA PHE A 131 -27.12 -14.18 20.70
C PHE A 131 -27.80 -13.84 22.02
N LYS A 135 -28.97 -19.48 20.77
CA LYS A 135 -28.14 -18.43 21.35
C LYS A 135 -26.72 -18.52 20.82
N LEU A 136 -26.21 -19.74 20.68
CA LEU A 136 -24.87 -19.96 20.15
C LEU A 136 -24.73 -19.38 18.74
N ASP A 137 -23.72 -18.52 18.56
CA ASP A 137 -23.52 -17.84 17.29
C ASP A 137 -22.35 -18.44 16.51
N THR A 138 -21.15 -18.24 17.04
CA THR A 138 -19.96 -18.88 16.47
C THR A 138 -18.95 -19.20 17.57
N GLU A 139 -18.18 -20.27 17.36
CA GLU A 139 -17.02 -20.58 18.23
C GLU A 139 -15.77 -20.00 17.60
N HIS A 140 -15.13 -19.06 18.30
CA HIS A 140 -14.07 -18.29 17.62
C HIS A 140 -12.65 -18.76 17.80
N ALA A 141 -12.32 -19.11 19.03
CA ALA A 141 -10.95 -19.34 19.44
C ALA A 141 -10.91 -20.16 20.72
N SER A 142 -9.71 -20.64 21.06
CA SER A 142 -9.45 -21.32 22.30
C SER A 142 -7.96 -21.18 22.66
N CYS A 143 -7.65 -21.34 23.93
CA CYS A 143 -6.29 -21.32 24.38
C CYS A 143 -6.25 -22.09 25.68
N THR A 144 -5.04 -22.34 26.17
CA THR A 144 -4.79 -22.92 27.47
C THR A 144 -3.99 -21.93 28.28
N VAL A 145 -4.60 -21.43 29.34
CA VAL A 145 -3.80 -20.59 30.24
C VAL A 145 -3.00 -21.49 31.17
N ARG A 146 -1.76 -21.11 31.39
CA ARG A 146 -0.82 -21.83 32.23
C ARG A 146 -0.29 -20.91 33.34
N PHE A 147 -0.20 -21.47 34.53
CA PHE A 147 0.38 -20.81 35.68
C PHE A 147 1.81 -21.32 35.74
N THR A 148 2.72 -20.50 35.22
CA THR A 148 4.02 -20.95 34.75
C THR A 148 5.18 -20.51 35.65
N SER A 149 6.36 -21.07 35.40
CA SER A 149 7.59 -20.75 36.15
C SER A 149 8.20 -19.48 35.57
N ASP A 150 9.25 -18.99 36.23
CA ASP A 150 9.94 -17.81 35.72
C ASP A 150 11.19 -18.24 34.96
N ALA A 151 11.32 -19.53 34.71
CA ALA A 151 12.49 -20.04 34.00
C ALA A 151 12.66 -19.40 32.64
N GLN A 152 11.56 -19.27 31.89
CA GLN A 152 11.68 -18.59 30.60
C GLN A 152 12.16 -17.14 30.76
N LEU A 153 11.52 -16.40 31.66
CA LEU A 153 11.94 -15.03 31.97
C LEU A 153 13.43 -14.98 32.28
N LYS A 154 13.90 -15.90 33.12
CA LYS A 154 15.33 -15.90 33.49
C LYS A 154 16.21 -16.14 32.29
N SER A 155 15.77 -17.03 31.41
CA SER A 155 16.48 -17.32 30.16
C SER A 155 16.52 -16.11 29.23
N LEU A 156 15.38 -15.44 29.06
CA LEU A 156 15.29 -14.23 28.23
C LEU A 156 16.21 -13.11 28.70
N ARG A 157 16.29 -12.94 30.02
CA ARG A 157 17.17 -11.93 30.61
C ARG A 157 18.61 -12.17 30.25
N ARG A 158 18.99 -13.45 30.14
CA ARG A 158 20.36 -13.79 29.75
C ARG A 158 20.64 -13.52 28.28
N SER A 159 19.59 -13.52 27.45
CA SER A 159 19.72 -13.23 26.00
C SER A 159 19.55 -11.77 25.64
N VAL A 160 19.28 -10.89 26.62
CA VAL A 160 18.98 -9.48 26.31
C VAL A 160 20.03 -8.91 25.35
N SER A 161 21.29 -9.05 25.74
CA SER A 161 22.40 -8.49 24.98
C SER A 161 22.44 -9.03 23.53
N GLU A 162 22.09 -10.22 23.41
CA GLU A 162 21.98 -10.84 22.09
C GLU A 162 20.80 -10.25 21.28
N TYR A 163 19.69 -10.13 21.83
CA TYR A 163 18.55 -9.46 21.15
C TYR A 163 18.92 -8.03 20.78
N LYS A 164 19.57 -7.33 21.70
CA LYS A 164 19.96 -5.94 21.45
C LYS A 164 20.94 -5.90 20.28
N THR A 165 21.75 -6.94 20.15
CA THR A 165 22.75 -6.95 19.08
C THR A 165 22.08 -7.15 17.71
N HIS A 166 21.08 -8.02 17.66
CA HIS A 166 20.32 -8.21 16.42
C HIS A 166 19.67 -6.90 16.02
N ILE A 167 19.11 -6.20 17.00
CA ILE A 167 18.44 -4.89 16.75
C ILE A 167 19.42 -3.88 16.21
N ARG A 168 20.56 -3.74 16.88
CA ARG A 168 21.59 -2.81 16.46
C ARG A 168 22.11 -3.15 15.06
N GLN A 169 22.24 -4.43 14.76
CA GLN A 169 22.68 -4.86 13.43
C GLN A 169 21.67 -4.52 12.32
N LEU A 170 20.39 -4.52 12.67
CA LEU A 170 19.36 -4.15 11.72
C LEU A 170 19.47 -2.66 11.42
N HIS A 171 19.65 -1.85 12.47
CA HIS A 171 19.80 -0.40 12.30
C HIS A 171 21.08 -0.04 11.51
N ASP A 172 22.15 -0.79 11.77
CA ASP A 172 23.44 -0.64 11.06
C ASP A 172 23.28 -0.86 9.58
N GLY A 173 22.57 -1.94 9.24
CA GLY A 173 22.30 -2.31 7.87
C GLY A 173 21.44 -1.26 7.15
N HIS A 174 20.42 -0.74 7.83
CA HIS A 174 19.62 0.32 7.23
C HIS A 174 20.49 1.55 6.98
N ALA A 175 21.35 1.91 7.94
CA ALA A 175 22.28 3.04 7.78
C ALA A 175 23.29 2.86 6.63
N LYS A 176 23.42 1.63 6.10
CA LYS A 176 24.26 1.35 4.91
C LYS A 176 23.42 1.12 3.64
N GLY A 177 22.11 1.35 3.72
CA GLY A 177 21.26 1.16 2.56
C GLY A 177 20.90 -0.29 2.27
N GLN A 178 21.04 -1.19 3.25
CA GLN A 178 20.78 -2.63 3.03
C GLN A 178 19.35 -3.08 3.37
N PHE A 179 18.72 -2.43 4.34
CA PHE A 179 17.39 -2.92 4.82
C PHE A 179 16.43 -1.74 4.79
N MET A 180 15.15 -2.03 4.56
CA MET A 180 14.12 -0.99 4.54
C MET A 180 13.80 -0.47 5.94
N ARG A 181 13.58 0.84 6.10
CA ARG A 181 13.04 1.38 7.35
C ARG A 181 11.75 2.11 7.02
N TYR A 182 10.64 1.65 7.61
CA TYR A 182 9.34 2.27 7.39
C TYR A 182 8.94 3.18 8.52
N ASN A 183 8.69 4.46 8.19
CA ASN A 183 8.00 5.35 9.15
C ASN A 183 6.60 4.83 9.37
N ARG A 184 6.03 5.09 10.55
CA ARG A 184 4.65 4.67 10.88
C ARG A 184 3.63 4.74 9.73
N LYS A 185 3.34 5.96 9.25
CA LYS A 185 2.28 6.13 8.24
C LYS A 185 2.53 5.42 6.90
N THR A 186 3.79 5.40 6.51
CA THR A 186 4.21 4.69 5.30
C THR A 186 4.08 3.14 5.47
N GLY A 187 4.47 2.59 6.63
CA GLY A 187 4.20 1.16 6.90
C GLY A 187 2.72 0.84 6.73
N TYR A 188 1.84 1.63 7.36
CA TYR A 188 0.40 1.34 7.26
C TYR A 188 -0.13 1.57 5.81
N LYS A 189 0.46 2.51 5.08
CA LYS A 189 0.06 2.69 3.68
C LYS A 189 0.44 1.42 2.90
N LEU A 190 1.64 0.90 3.16
CA LEU A 190 2.07 -0.35 2.51
C LEU A 190 1.10 -1.50 2.73
N MET A 191 0.51 -1.60 3.92
CA MET A 191 -0.45 -2.67 4.24
C MET A 191 -1.90 -2.38 3.84
N SER A 192 -2.19 -1.13 3.46
CA SER A 192 -3.58 -0.66 3.35
C SER A 192 -4.47 -1.33 2.29
N SER A 193 -3.92 -1.93 1.24
CA SER A 193 -4.80 -2.67 0.33
C SER A 193 -5.24 -4.03 0.98
N MET A 194 -4.47 -4.53 1.95
CA MET A 194 -4.83 -5.76 2.68
C MET A 194 -5.73 -5.48 3.87
N ALA A 195 -5.32 -4.57 4.75
CA ALA A 195 -6.09 -4.25 5.94
C ALA A 195 -5.87 -2.80 6.32
N ARG A 196 -6.90 -2.19 6.89
CA ARG A 196 -6.75 -0.93 7.58
C ARG A 196 -6.88 -1.16 9.08
N PHE A 197 -6.40 -0.22 9.85
CA PHE A 197 -6.30 -0.44 11.29
C PHE A 197 -7.05 0.66 12.02
N ASN A 198 -7.82 0.29 13.04
CA ASN A 198 -8.32 1.25 14.06
C ASN A 198 -7.12 2.15 14.42
N PRO A 199 -7.31 3.49 14.39
CA PRO A 199 -6.17 4.37 14.75
C PRO A 199 -5.49 4.04 16.10
N ASP A 200 -6.27 3.52 17.04
CA ASP A 200 -5.77 3.18 18.37
C ASP A 200 -4.82 1.99 18.31
N TYR A 201 -4.88 1.28 17.19
CA TYR A 201 -3.98 0.15 16.92
C TYR A 201 -2.77 0.51 16.05
N MET A 202 -2.71 1.75 15.56
CA MET A 202 -1.60 2.16 14.71
C MET A 202 -0.40 2.64 15.51
N LEU A 203 0.29 1.70 16.15
CA LEU A 203 1.23 2.01 17.22
C LEU A 203 2.64 1.72 16.77
N LEU A 204 2.80 1.23 15.53
CA LEU A 204 4.16 0.94 15.05
C LEU A 204 4.84 2.25 14.56
N ASP A 205 5.80 2.74 15.33
CA ASP A 205 6.42 4.06 15.13
C ASP A 205 7.44 3.97 13.98
N TYR A 206 8.25 2.91 13.96
CA TYR A 206 9.17 2.66 12.82
C TYR A 206 9.39 1.16 12.77
N LEU A 207 9.80 0.64 11.62
CA LEU A 207 10.18 -0.76 11.56
C LEU A 207 11.28 -0.94 10.52
N VAL A 208 12.36 -1.59 10.92
CA VAL A 208 13.47 -1.93 10.01
C VAL A 208 13.36 -3.42 9.64
N LEU A 209 13.34 -3.72 8.35
CA LEU A 209 13.06 -5.07 7.85
C LEU A 209 14.21 -5.63 7.01
N ASN A 210 14.74 -6.78 7.45
CA ASN A 210 15.68 -7.53 6.66
C ASN A 210 14.84 -8.62 5.96
N GLU A 211 14.49 -8.37 4.71
CA GLU A 211 13.51 -9.18 4.00
C GLU A 211 13.98 -10.60 3.80
N ALA A 212 15.28 -10.78 3.62
CA ALA A 212 15.90 -12.10 3.41
C ALA A 212 15.59 -13.09 4.50
N GLU A 213 15.39 -12.60 5.73
CA GLU A 213 15.11 -13.48 6.86
C GLU A 213 13.80 -13.15 7.55
N ASN A 214 12.93 -12.35 6.91
CA ASN A 214 11.68 -11.92 7.56
C ASN A 214 11.96 -11.45 8.99
N GLU A 215 12.95 -10.59 9.11
CA GLU A 215 13.51 -10.27 10.42
C GLU A 215 13.35 -8.79 10.62
N ALA A 216 12.74 -8.39 11.74
CA ALA A 216 12.35 -7.00 11.95
C ALA A 216 12.71 -6.51 13.33
N ALA A 217 13.09 -5.22 13.41
CA ALA A 217 13.18 -4.52 14.69
C ALA A 217 12.27 -3.29 14.55
N SER A 218 11.38 -3.10 15.51
CA SER A 218 10.37 -2.03 15.43
C SER A 218 10.29 -1.28 16.76
N GLY A 219 10.10 0.03 16.72
CA GLY A 219 9.72 0.76 17.92
C GLY A 219 8.21 0.82 17.90
N VAL A 220 7.60 0.33 18.98
CA VAL A 220 6.16 0.44 19.13
C VAL A 220 5.95 1.48 20.22
N ASP A 221 5.11 2.47 19.93
CA ASP A 221 4.95 3.60 20.85
C ASP A 221 3.48 3.69 21.23
N PHE A 222 3.15 3.18 22.42
CA PHE A 222 1.75 3.13 22.83
C PHE A 222 1.11 4.52 23.05
N SER A 223 1.93 5.56 23.15
CA SER A 223 1.41 6.93 23.27
C SER A 223 0.79 7.43 21.96
N LEU A 224 1.02 6.70 20.87
CA LEU A 224 0.45 7.09 19.58
C LEU A 224 -1.04 6.81 19.42
N GLY A 225 -1.65 6.11 20.37
CA GLY A 225 -3.07 5.83 20.26
C GLY A 225 -3.75 6.19 21.55
N SER A 226 -5.07 6.05 21.60
CA SER A 226 -5.78 6.26 22.87
C SER A 226 -6.27 4.92 23.43
N SER A 227 -6.09 4.69 24.72
CA SER A 227 -6.38 3.34 25.25
C SER A 227 -7.10 3.45 26.55
N GLU A 228 -8.25 4.13 26.51
CA GLU A 228 -8.98 4.33 27.72
C GLU A 228 -9.72 3.05 28.06
N GLY A 229 -9.64 2.69 29.34
CA GLY A 229 -10.39 1.59 29.88
C GLY A 229 -9.54 0.84 30.88
N THR A 230 -10.01 -0.33 31.27
CA THR A 230 -9.22 -1.17 32.18
C THR A 230 -9.08 -2.54 31.52
N PHE A 231 -7.91 -3.11 31.66
CA PHE A 231 -7.52 -4.34 30.94
C PHE A 231 -6.48 -5.09 31.78
N ALA A 232 -6.26 -6.37 31.47
CA ALA A 232 -4.99 -7.01 31.90
C ALA A 232 -3.86 -6.67 30.91
N ALA A 233 -4.17 -6.75 29.61
CA ALA A 233 -3.21 -6.44 28.55
C ALA A 233 -4.00 -5.81 27.43
N HIS A 234 -3.80 -4.50 27.22
CA HIS A 234 -4.61 -3.75 26.27
C HIS A 234 -4.58 -4.43 24.91
N PRO A 235 -5.75 -4.76 24.33
CA PRO A 235 -5.75 -5.44 23.02
C PRO A 235 -5.04 -4.67 21.89
N ALA A 236 -4.99 -3.34 21.96
CA ALA A 236 -4.27 -2.59 20.91
C ALA A 236 -2.78 -2.79 21.09
N HIS A 237 -2.34 -2.79 22.33
CA HIS A 237 -0.91 -2.85 22.64
C HIS A 237 -0.38 -4.21 22.23
N VAL A 238 -1.10 -5.26 22.62
CA VAL A 238 -0.65 -6.63 22.26
C VAL A 238 -0.75 -6.89 20.75
N ASP A 239 -1.83 -6.45 20.12
CA ASP A 239 -1.91 -6.55 18.66
C ASP A 239 -0.75 -5.82 17.99
N ALA A 240 -0.37 -4.64 18.49
CA ALA A 240 0.74 -3.93 17.85
C ALA A 240 2.00 -4.80 17.89
N ILE A 241 2.21 -5.53 18.99
CA ILE A 241 3.36 -6.47 19.06
C ILE A 241 3.31 -7.52 17.92
N THR A 242 2.15 -8.13 17.73
CA THR A 242 2.01 -9.15 16.68
C THR A 242 2.03 -8.54 15.28
N GLN A 243 1.63 -7.25 15.15
CA GLN A 243 1.74 -6.59 13.86
C GLN A 243 3.17 -6.58 13.32
N VAL A 244 4.14 -6.52 14.22
CA VAL A 244 5.53 -6.46 13.77
C VAL A 244 5.87 -7.72 12.94
N ALA A 245 5.47 -8.89 13.45
CA ALA A 245 5.67 -10.19 12.72
C ALA A 245 4.84 -10.25 11.44
N GLY A 246 3.56 -9.81 11.50
CA GLY A 246 2.70 -9.81 10.29
C GLY A 246 3.26 -8.89 9.22
N PHE A 247 3.74 -7.72 9.64
CA PHE A 247 4.36 -6.79 8.71
C PHE A 247 5.61 -7.41 8.11
N ALA A 248 6.44 -8.05 8.92
CA ALA A 248 7.66 -8.67 8.38
C ALA A 248 7.35 -9.60 7.24
N MET A 249 6.28 -10.38 7.39
CA MET A 249 5.90 -11.30 6.29
C MET A 249 5.30 -10.57 5.08
N ASN A 250 4.29 -9.74 5.34
CA ASN A 250 3.49 -9.13 4.29
C ASN A 250 4.22 -8.02 3.50
N ALA A 251 5.26 -7.44 4.11
CA ALA A 251 6.05 -6.35 3.51
C ALA A 251 7.21 -6.87 2.66
N ASN A 252 7.37 -8.20 2.61
CA ASN A 252 8.34 -8.78 1.72
C ASN A 252 8.02 -8.49 0.27
N ASP A 253 9.03 -8.07 -0.48
CA ASP A 253 8.85 -7.68 -1.89
C ASP A 253 8.20 -8.79 -2.72
N ASN A 254 8.47 -10.03 -2.33
CA ASN A 254 7.95 -11.19 -3.06
C ASN A 254 6.60 -11.71 -2.63
N VAL A 255 5.99 -11.06 -1.64
CA VAL A 255 4.63 -11.40 -1.25
C VAL A 255 3.71 -10.42 -1.95
N ASP A 256 2.85 -10.95 -2.84
CA ASP A 256 1.89 -10.10 -3.58
C ASP A 256 0.62 -10.10 -2.74
N ILE A 257 0.37 -9.01 -2.01
CA ILE A 257 -0.81 -8.95 -1.13
C ILE A 257 -2.16 -8.84 -1.84
N GLU A 258 -2.14 -8.65 -3.16
CA GLU A 258 -3.40 -8.78 -3.93
C GLU A 258 -3.84 -10.25 -4.09
N LYS A 259 -2.91 -11.17 -3.86
CA LYS A 259 -3.12 -12.61 -4.06
C LYS A 259 -3.05 -13.46 -2.78
N GLN A 260 -2.03 -13.24 -1.97
CA GLN A 260 -1.82 -14.01 -0.73
C GLN A 260 -1.46 -13.06 0.42
N VAL A 261 -2.04 -13.27 1.58
CA VAL A 261 -1.65 -12.51 2.76
C VAL A 261 -1.42 -13.43 3.95
N TYR A 262 -0.47 -13.04 4.82
CA TYR A 262 -0.20 -13.75 6.06
C TYR A 262 -1.08 -13.20 7.18
N VAL A 263 -1.86 -14.08 7.80
CA VAL A 263 -2.80 -13.71 8.89
C VAL A 263 -2.42 -14.41 10.20
N ASN A 264 -2.66 -13.78 11.37
CA ASN A 264 -2.32 -14.41 12.65
C ASN A 264 -3.28 -15.55 12.94
N HIS A 265 -2.69 -16.69 13.24
CA HIS A 265 -3.42 -17.92 13.44
C HIS A 265 -3.43 -18.29 14.94
N GLY A 266 -2.52 -17.69 15.69
CA GLY A 266 -2.38 -18.02 17.09
C GLY A 266 -0.92 -18.07 17.45
N TRP A 267 -0.61 -18.80 18.52
CA TRP A 267 0.74 -18.87 19.04
C TRP A 267 0.83 -19.95 20.07
N ASP A 268 2.03 -20.42 20.32
CA ASP A 268 2.23 -21.47 21.31
C ASP A 268 2.28 -20.94 22.74
N SER A 269 2.84 -19.73 22.94
CA SER A 269 3.03 -19.21 24.29
C SER A 269 3.08 -17.69 24.24
N PHE A 270 2.49 -17.04 25.25
CA PHE A 270 2.54 -15.57 25.40
C PHE A 270 2.62 -15.18 26.87
N GLN A 271 3.67 -14.47 27.25
CA GLN A 271 3.88 -14.08 28.67
C GLN A 271 4.23 -12.59 28.70
N ILE A 272 3.68 -11.92 29.71
CA ILE A 272 3.96 -10.52 29.93
C ILE A 272 4.60 -10.38 31.29
N TYR A 273 5.72 -9.68 31.33
CA TYR A 273 6.55 -9.60 32.52
C TYR A 273 6.53 -8.20 33.14
N GLN A 274 6.13 -7.18 32.36
CA GLN A 274 6.13 -5.77 32.83
C GLN A 274 4.84 -5.09 32.29
N PRO A 275 4.27 -4.10 33.01
CA PRO A 275 3.14 -3.35 32.41
C PRO A 275 3.37 -2.90 30.99
N LEU A 276 2.32 -3.01 30.18
CA LEU A 276 2.29 -2.40 28.85
C LEU A 276 1.69 -0.98 28.89
N ASP A 277 2.55 -0.03 29.27
CA ASP A 277 2.23 1.33 29.70
C ASP A 277 1.88 2.21 28.50
N ASN A 278 0.70 2.85 28.52
CA ASN A 278 0.23 3.58 27.36
C ASN A 278 0.92 4.93 27.13
N SER A 279 1.91 5.25 27.96
CA SER A 279 2.76 6.43 27.73
C SER A 279 4.14 6.04 27.21
N LYS A 280 4.40 4.74 27.02
CA LYS A 280 5.76 4.29 26.73
C LYS A 280 5.91 3.70 25.35
N SER A 281 7.13 3.74 24.84
CA SER A 281 7.53 3.05 23.61
C SER A 281 8.41 1.88 24.01
N TYR A 282 8.39 0.84 23.16
CA TYR A 282 9.10 -0.43 23.41
C TYR A 282 9.79 -0.88 22.12
N GLN A 283 10.80 -1.72 22.26
CA GLN A 283 11.43 -2.31 21.10
C GLN A 283 10.96 -3.75 20.91
N VAL A 284 10.62 -4.07 19.68
CA VAL A 284 10.03 -5.39 19.37
C VAL A 284 10.94 -6.00 18.33
N TYR A 285 11.38 -7.23 18.54
CA TYR A 285 12.27 -7.89 17.57
C TYR A 285 11.70 -9.27 17.22
N THR A 286 11.73 -9.64 15.94
CA THR A 286 11.29 -10.97 15.48
C THR A 286 12.10 -11.45 14.28
N LYS A 287 12.32 -12.77 14.20
CA LYS A 287 12.87 -13.37 13.00
C LYS A 287 11.90 -14.50 12.67
N MET A 288 11.07 -14.29 11.66
CA MET A 288 10.01 -15.25 11.33
C MET A 288 10.54 -16.36 10.44
N GLY A 289 11.39 -15.99 9.49
CA GLY A 289 11.90 -16.94 8.51
C GLY A 289 10.80 -17.68 7.78
N GLN A 290 11.12 -18.86 7.26
CA GLN A 290 10.94 -19.15 5.84
C GLN A 290 9.63 -19.90 5.59
N ALA A 291 8.93 -19.53 4.53
CA ALA A 291 7.72 -20.23 4.13
C ALA A 291 8.04 -21.63 3.61
N ASN A 294 4.03 -26.22 3.70
CA ASN A 294 2.64 -26.06 4.16
C ASN A 294 2.19 -24.59 4.26
N ASP A 295 1.07 -24.41 4.95
CA ASP A 295 0.32 -23.18 5.07
C ASP A 295 0.95 -22.08 5.97
N LEU A 296 1.95 -22.48 6.79
CA LEU A 296 2.28 -21.80 8.06
C LEU A 296 3.71 -21.31 8.20
N VAL A 297 3.90 -20.16 8.84
CA VAL A 297 5.24 -19.76 9.29
C VAL A 297 5.18 -19.52 10.79
N HIS A 298 6.31 -19.68 11.47
CA HIS A 298 6.28 -19.44 12.92
C HIS A 298 7.54 -18.78 13.37
N GLY A 299 7.49 -18.09 14.51
CA GLY A 299 8.68 -17.51 15.04
C GLY A 299 8.39 -16.86 16.37
N ASP A 300 9.45 -16.39 17.02
CA ASP A 300 9.32 -15.74 18.33
C ASP A 300 9.31 -14.22 18.16
N VAL A 301 8.65 -13.56 19.11
CA VAL A 301 8.62 -12.09 19.12
C VAL A 301 8.95 -11.63 20.55
N VAL A 302 10.00 -10.82 20.69
CA VAL A 302 10.38 -10.37 22.02
C VAL A 302 10.11 -8.86 22.13
N VAL A 303 9.75 -8.44 23.32
CA VAL A 303 9.48 -7.01 23.58
C VAL A 303 10.43 -6.54 24.68
N LEU A 304 11.19 -5.48 24.41
CA LEU A 304 12.14 -4.93 25.39
C LEU A 304 11.74 -3.51 25.77
N ASP A 305 12.18 -3.09 26.95
CA ASP A 305 12.06 -1.67 27.36
C ASP A 305 13.49 -1.36 27.75
N GLY A 306 14.28 -0.93 26.78
CA GLY A 306 15.72 -0.72 27.01
C GLY A 306 16.39 -2.06 27.28
N GLU A 307 16.91 -2.22 28.51
CA GLU A 307 17.51 -3.47 28.97
C GLU A 307 16.51 -4.51 29.56
N GLN A 308 15.24 -4.15 29.79
CA GLN A 308 14.30 -5.03 30.48
C GLN A 308 13.51 -5.87 29.49
N ILE A 309 13.29 -7.15 29.85
CA ILE A 309 12.36 -8.03 29.12
C ILE A 309 10.91 -7.71 29.52
N VAL A 310 10.07 -7.35 28.55
CA VAL A 310 8.74 -6.89 28.84
C VAL A 310 7.72 -7.98 28.52
N ALA A 311 7.93 -8.66 27.39
CA ALA A 311 6.98 -9.71 26.94
C ALA A 311 7.61 -10.58 25.85
N PHE A 312 6.99 -11.74 25.58
CA PHE A 312 7.58 -12.69 24.62
C PHE A 312 6.46 -13.58 24.07
N PHE A 313 6.34 -13.62 22.76
CA PHE A 313 5.55 -14.64 22.08
C PHE A 313 6.52 -15.72 21.66
N ARG A 314 6.23 -16.96 22.05
CA ARG A 314 6.99 -18.06 21.56
C ARG A 314 6.14 -18.79 20.54
N GLY A 315 6.67 -18.97 19.36
CA GLY A 315 5.97 -19.72 18.31
C GLY A 315 4.70 -19.05 17.82
N LEU A 316 4.74 -17.72 17.65
CA LEU A 316 3.68 -17.00 16.93
C LEU A 316 3.54 -17.60 15.54
N THR A 317 2.30 -17.89 15.14
CA THR A 317 2.04 -18.58 13.90
C THR A 317 1.20 -17.72 12.96
N LEU A 318 1.69 -17.56 11.73
CA LEU A 318 0.96 -16.87 10.69
C LEU A 318 0.64 -17.85 9.57
N ARG A 319 -0.56 -17.75 9.03
CA ARG A 319 -1.02 -18.62 7.94
C ARG A 319 -1.14 -17.82 6.64
N SER A 320 -0.59 -18.35 5.56
CA SER A 320 -0.77 -17.80 4.24
C SER A 320 -2.20 -18.07 3.77
N VAL A 321 -3.00 -17.02 3.56
CA VAL A 321 -4.35 -17.19 3.00
C VAL A 321 -4.58 -16.41 1.71
N PRO A 322 -5.39 -16.98 0.78
CA PRO A 322 -5.67 -16.26 -0.47
C PRO A 322 -6.42 -14.97 -0.14
N ARG A 323 -5.96 -13.86 -0.72
CA ARG A 323 -6.57 -12.55 -0.48
C ARG A 323 -8.04 -12.54 -0.89
N GLY A 324 -8.32 -13.11 -2.06
CA GLY A 324 -9.65 -13.10 -2.65
C GLY A 324 -10.61 -14.05 -1.95
N ALA A 325 -10.15 -15.28 -1.70
CA ALA A 325 -10.89 -16.23 -0.85
C ALA A 325 -11.00 -15.82 0.63
N LEU A 326 -10.12 -14.95 1.11
CA LEU A 326 -10.30 -14.36 2.45
C LEU A 326 -11.53 -13.47 2.39
N ARG A 327 -11.65 -12.75 1.26
CA ARG A 327 -12.68 -11.74 1.07
C ARG A 327 -14.07 -12.40 1.08
N VAL A 328 -14.16 -13.50 0.34
CA VAL A 328 -15.36 -14.33 0.19
C VAL A 328 -15.90 -14.76 1.55
N VAL A 329 -15.07 -15.49 2.29
CA VAL A 329 -15.42 -15.99 3.63
C VAL A 329 -15.93 -14.84 4.53
N LEU A 330 -15.15 -13.76 4.62
CA LEU A 330 -15.49 -12.61 5.49
C LEU A 330 -16.82 -11.94 5.12
N GLN A 331 -17.08 -11.85 3.80
CA GLN A 331 -18.32 -11.29 3.26
C GLN A 331 -19.53 -12.22 3.37
N THR A 332 -19.25 -13.52 3.56
CA THR A 332 -20.30 -14.51 3.81
C THR A 332 -20.44 -14.75 5.32
N GLU B 1 0.32 9.99 -46.76
CA GLU B 1 -0.89 9.53 -46.00
C GLU B 1 -0.51 8.99 -44.61
N ILE B 2 -1.36 9.25 -43.61
CA ILE B 2 -1.00 8.96 -42.21
C ILE B 2 -0.99 7.47 -41.99
N LYS B 3 0.12 6.98 -41.45
CA LYS B 3 0.28 5.56 -41.14
C LYS B 3 -0.65 5.19 -39.99
N THR B 4 -1.49 4.17 -40.18
CA THR B 4 -2.29 3.66 -39.07
C THR B 4 -1.42 2.80 -38.13
N THR B 5 -1.80 2.73 -36.85
CA THR B 5 -0.95 2.11 -35.83
C THR B 5 -1.86 1.43 -34.82
N THR B 6 -1.30 0.90 -33.74
CA THR B 6 -2.10 0.29 -32.66
C THR B 6 -3.06 1.31 -32.06
N THR B 7 -2.61 2.57 -31.99
CA THR B 7 -3.38 3.63 -31.33
C THR B 7 -4.03 4.67 -32.27
N LEU B 8 -3.90 4.48 -33.58
CA LEU B 8 -4.58 5.35 -34.56
C LEU B 8 -5.10 4.45 -35.68
N HIS B 9 -6.42 4.31 -35.81
CA HIS B 9 -6.98 3.22 -36.66
C HIS B 9 -7.43 3.64 -38.04
N ARG B 10 -8.10 4.79 -38.14
CA ARG B 10 -8.56 5.30 -39.44
C ARG B 10 -8.66 6.84 -39.49
N VAL B 11 -8.64 7.37 -40.70
CA VAL B 11 -8.88 8.80 -40.91
C VAL B 11 -10.36 8.98 -41.12
N VAL B 12 -10.99 9.81 -40.29
CA VAL B 12 -12.41 10.14 -40.44
C VAL B 12 -12.61 11.27 -41.44
N GLU B 13 -11.72 12.26 -41.41
CA GLU B 13 -11.84 13.47 -42.22
C GLU B 13 -10.46 14.10 -42.40
N GLU B 14 -10.17 14.55 -43.62
CA GLU B 14 -8.93 15.30 -43.89
C GLU B 14 -9.16 16.36 -44.96
N THR B 15 -9.29 17.61 -44.50
CA THR B 15 -9.63 18.72 -45.37
C THR B 15 -8.60 19.85 -45.28
N THR B 16 -8.12 20.30 -46.43
CA THR B 16 -7.34 21.53 -46.52
C THR B 16 -8.21 22.67 -47.07
N LYS B 17 -7.99 23.87 -46.55
CA LYS B 17 -8.62 25.08 -47.07
C LYS B 17 -7.54 26.16 -47.28
N PRO B 18 -7.95 27.41 -47.60
CA PRO B 18 -6.89 28.41 -47.79
C PRO B 18 -6.33 28.94 -46.46
N LEU B 19 -7.18 29.03 -45.43
CA LEU B 19 -6.80 29.57 -44.13
C LEU B 19 -6.61 28.52 -43.01
N GLY B 20 -6.45 27.26 -43.40
CA GLY B 20 -6.29 26.18 -42.42
C GLY B 20 -6.51 24.75 -42.92
N ALA B 21 -6.48 23.82 -41.97
CA ALA B 21 -6.75 22.41 -42.23
C ALA B 21 -7.31 21.71 -40.99
N THR B 22 -8.12 20.69 -41.23
CA THR B 22 -8.71 19.87 -40.19
C THR B 22 -8.37 18.40 -40.49
N LEU B 23 -7.86 17.68 -39.49
CA LEU B 23 -7.64 16.24 -39.61
C LEU B 23 -8.28 15.52 -38.45
N VAL B 24 -9.24 14.62 -38.75
CA VAL B 24 -9.94 13.85 -37.72
C VAL B 24 -9.57 12.38 -37.91
N VAL B 25 -9.01 11.80 -36.84
CA VAL B 25 -8.65 10.38 -36.84
C VAL B 25 -9.46 9.66 -35.78
N GLU B 26 -9.49 8.34 -35.86
CA GLU B 26 -10.34 7.59 -34.97
C GLU B 26 -9.63 6.35 -34.46
N THR B 27 -9.88 6.06 -33.18
CA THR B 27 -9.27 4.88 -32.55
C THR B 27 -10.36 4.14 -31.79
N ASP B 28 -10.62 2.91 -32.22
CA ASP B 28 -11.56 2.07 -31.49
C ASP B 28 -10.82 1.43 -30.33
N ILE B 29 -11.03 1.99 -29.14
CA ILE B 29 -10.26 1.52 -28.01
C ILE B 29 -10.73 0.12 -27.55
N SER B 30 -11.82 -0.37 -28.12
CA SER B 30 -12.24 -1.77 -27.91
C SER B 30 -11.56 -2.77 -28.85
N ARG B 31 -10.87 -2.28 -29.88
CA ARG B 31 -10.21 -3.23 -30.80
C ARG B 31 -9.22 -4.09 -30.02
N LYS B 32 -9.18 -5.38 -30.35
CA LYS B 32 -8.45 -6.35 -29.51
C LYS B 32 -6.94 -6.12 -29.32
N ASP B 33 -6.29 -5.49 -30.30
CA ASP B 33 -4.86 -5.16 -30.17
C ASP B 33 -4.58 -3.97 -29.24
N VAL B 34 -5.59 -3.16 -29.00
CA VAL B 34 -5.34 -1.93 -28.20
C VAL B 34 -6.08 -1.86 -26.85
N ASN B 35 -7.09 -2.71 -26.68
CA ASN B 35 -7.96 -2.52 -25.52
C ASN B 35 -7.21 -2.72 -24.21
N GLY B 36 -6.37 -3.76 -24.18
CA GLY B 36 -5.50 -4.03 -23.03
C GLY B 36 -4.64 -2.83 -22.65
N LEU B 37 -3.99 -2.25 -23.64
CA LEU B 37 -3.09 -1.11 -23.46
C LEU B 37 -3.85 0.16 -23.08
N ALA B 38 -5.06 0.29 -23.59
CA ALA B 38 -5.88 1.44 -23.23
C ALA B 38 -6.25 1.41 -21.73
N ARG B 39 -6.26 0.22 -21.12
CA ARG B 39 -6.57 0.07 -19.69
C ARG B 39 -5.29 0.13 -18.85
N GLY B 40 -4.72 1.34 -18.73
CA GLY B 40 -3.42 1.54 -18.07
C GLY B 40 -3.47 1.45 -16.55
N HIS B 41 -4.47 2.10 -15.95
CA HIS B 41 -4.55 2.18 -14.48
C HIS B 41 -5.90 1.59 -14.08
N LEU B 42 -6.02 1.19 -12.84
CA LEU B 42 -7.30 0.68 -12.36
C LEU B 42 -7.56 1.30 -10.99
N VAL B 43 -8.66 2.05 -10.86
CA VAL B 43 -8.99 2.70 -9.59
C VAL B 43 -10.39 2.24 -9.17
N ASP B 44 -10.46 1.60 -8.00
CA ASP B 44 -11.73 1.05 -7.47
C ASP B 44 -12.41 0.14 -8.50
N GLY B 45 -11.60 -0.71 -9.13
CA GLY B 45 -12.00 -1.63 -10.21
C GLY B 45 -12.42 -1.02 -11.54
N ILE B 46 -12.27 0.29 -11.69
CA ILE B 46 -12.66 0.98 -12.92
C ILE B 46 -11.41 1.22 -13.75
N PRO B 47 -11.36 0.66 -14.99
CA PRO B 47 -10.15 0.90 -15.82
C PRO B 47 -10.11 2.31 -16.39
N LEU B 48 -8.90 2.83 -16.60
CA LEU B 48 -8.73 4.22 -17.02
C LEU B 48 -7.66 4.30 -18.09
N CYS B 49 -7.95 5.01 -19.18
CA CYS B 49 -6.96 5.43 -20.16
C CYS B 49 -6.05 6.52 -19.56
N THR B 50 -4.74 6.39 -19.76
CA THR B 50 -3.76 7.35 -19.23
C THR B 50 -3.51 8.55 -20.20
N PRO B 51 -3.10 9.71 -19.68
CA PRO B 51 -2.74 10.81 -20.57
C PRO B 51 -1.72 10.45 -21.67
N SER B 52 -0.80 9.54 -21.39
CA SER B 52 0.18 9.06 -22.36
C SER B 52 -0.47 8.45 -23.59
N PHE B 53 -1.71 7.96 -23.45
CA PHE B 53 -2.46 7.40 -24.60
C PHE B 53 -2.77 8.53 -25.63
N TYR B 54 -3.35 9.63 -25.13
CA TYR B 54 -3.51 10.84 -25.95
C TYR B 54 -2.18 11.35 -26.48
N ALA B 55 -1.13 11.36 -25.65
CA ALA B 55 0.18 11.91 -26.07
C ALA B 55 0.72 11.15 -27.27
N ASP B 56 0.56 9.82 -27.25
CA ASP B 56 1.00 8.97 -28.39
C ASP B 56 0.29 9.40 -29.68
N ILE B 57 -1.03 9.54 -29.62
CA ILE B 57 -1.83 9.90 -30.81
C ILE B 57 -1.45 11.32 -31.28
N ALA B 58 -1.26 12.22 -30.31
CA ALA B 58 -0.87 13.60 -30.61
C ALA B 58 0.46 13.65 -31.36
N MET B 59 1.46 12.90 -30.90
CA MET B 59 2.75 12.79 -31.55
C MET B 59 2.57 12.28 -32.99
N GLN B 60 1.68 11.30 -33.15
CA GLN B 60 1.41 10.77 -34.50
C GLN B 60 0.74 11.78 -35.45
N VAL B 61 -0.34 12.43 -35.04
CA VAL B 61 -1.00 13.40 -35.94
C VAL B 61 -0.12 14.66 -36.15
N GLY B 62 0.66 15.02 -35.11
CA GLY B 62 1.65 16.13 -35.20
C GLY B 62 2.81 15.84 -36.17
N GLN B 63 3.45 14.69 -36.02
CA GLN B 63 4.54 14.25 -36.91
C GLN B 63 4.06 14.23 -38.36
N TYR B 64 2.84 13.70 -38.56
CA TYR B 64 2.25 13.61 -39.89
C TYR B 64 1.99 15.00 -40.49
N SER B 65 1.31 15.83 -39.72
CA SER B 65 1.06 17.22 -40.09
C SER B 65 2.36 17.98 -40.45
N MET B 66 3.37 17.86 -39.60
CA MET B 66 4.62 18.56 -39.79
C MET B 66 5.37 18.10 -41.05
N GLN B 67 5.35 16.79 -41.32
CA GLN B 67 5.96 16.23 -42.53
C GLN B 67 5.17 16.62 -43.80
N ARG B 68 3.84 16.54 -43.74
CA ARG B 68 2.93 16.94 -44.82
C ARG B 68 3.10 18.41 -45.26
N LEU B 69 3.50 19.27 -44.32
CA LEU B 69 3.60 20.70 -44.61
C LEU B 69 4.95 21.11 -45.23
N ARG B 70 5.99 20.32 -44.97
CA ARG B 70 7.35 20.72 -45.34
C ARG B 70 7.97 19.79 -46.37
N GLY B 81 12.77 17.43 -37.35
CA GLY B 81 11.87 18.35 -36.64
C GLY B 81 11.18 17.69 -35.48
N LEU B 82 11.22 18.36 -34.34
CA LEU B 82 10.69 17.81 -33.09
C LEU B 82 9.23 18.21 -32.92
N VAL B 83 8.39 17.27 -32.52
CA VAL B 83 7.01 17.56 -32.15
C VAL B 83 6.99 17.67 -30.60
N ASP B 84 6.43 18.73 -30.08
CA ASP B 84 6.26 18.88 -28.64
C ASP B 84 4.77 18.70 -28.40
N VAL B 85 4.40 17.75 -27.55
CA VAL B 85 3.02 17.65 -27.12
C VAL B 85 2.84 18.61 -25.93
N SER B 86 2.34 19.82 -26.21
CA SER B 86 2.37 20.86 -25.21
C SER B 86 0.95 21.20 -24.72
N ASP B 87 0.85 21.93 -23.60
CA ASP B 87 -0.43 22.39 -23.11
C ASP B 87 -1.43 21.25 -23.00
N MET B 88 -1.00 20.09 -22.47
CA MET B 88 -1.90 18.94 -22.35
C MET B 88 -2.79 19.19 -21.13
N VAL B 89 -4.10 19.11 -21.34
CA VAL B 89 -5.07 19.26 -20.27
C VAL B 89 -5.98 18.06 -20.30
N VAL B 90 -6.01 17.31 -19.20
CA VAL B 90 -6.85 16.12 -19.10
C VAL B 90 -8.04 16.54 -18.26
N ASP B 91 -9.22 16.61 -18.88
CA ASP B 91 -10.42 17.10 -18.17
C ASP B 91 -11.30 16.00 -17.57
N LYS B 92 -11.54 14.94 -18.33
CA LYS B 92 -12.48 13.89 -17.90
C LYS B 92 -11.89 12.52 -18.16
N ALA B 93 -12.07 11.65 -17.17
CA ALA B 93 -11.68 10.23 -17.26
C ALA B 93 -12.23 9.57 -18.50
N LEU B 94 -11.43 8.69 -19.07
CA LEU B 94 -11.87 7.83 -20.14
C LEU B 94 -11.79 6.40 -19.62
N VAL B 95 -12.94 5.73 -19.59
CA VAL B 95 -13.07 4.35 -19.09
C VAL B 95 -13.26 3.39 -20.26
N PRO B 96 -12.21 2.63 -20.62
CA PRO B 96 -12.37 1.74 -21.75
C PRO B 96 -13.16 0.52 -21.31
N HIS B 97 -14.46 0.54 -21.64
CA HIS B 97 -15.42 -0.51 -21.22
C HIS B 97 -15.26 -1.90 -21.91
N GLY B 98 -14.79 -1.93 -23.14
CA GLY B 98 -14.51 -3.19 -23.85
C GLY B 98 -15.76 -3.91 -24.34
N LYS B 99 -16.88 -3.19 -24.41
CA LYS B 99 -18.18 -3.76 -24.81
C LYS B 99 -18.69 -3.11 -26.08
N GLY B 100 -18.20 -3.56 -27.22
CA GLY B 100 -18.59 -2.96 -28.48
C GLY B 100 -17.72 -1.75 -28.72
N PRO B 101 -17.81 -1.16 -29.92
CA PRO B 101 -16.88 -0.11 -30.33
C PRO B 101 -16.93 1.06 -29.32
N GLN B 102 -15.77 1.66 -29.06
CA GLN B 102 -15.73 2.87 -28.24
C GLN B 102 -14.77 3.76 -28.97
N LEU B 103 -15.31 4.74 -29.67
CA LEU B 103 -14.55 5.46 -30.67
C LEU B 103 -13.97 6.73 -30.07
N LEU B 104 -12.66 6.74 -29.88
CA LEU B 104 -11.93 7.96 -29.52
C LEU B 104 -11.55 8.73 -30.81
N ARG B 105 -12.11 9.93 -30.97
CA ARG B 105 -11.81 10.79 -32.12
C ARG B 105 -10.80 11.83 -31.69
N THR B 106 -9.72 11.96 -32.46
CA THR B 106 -8.69 12.95 -32.18
C THR B 106 -8.81 13.92 -33.35
N THR B 107 -9.11 15.19 -33.04
CA THR B 107 -9.28 16.25 -34.05
C THR B 107 -8.11 17.25 -33.98
N LEU B 108 -7.38 17.39 -35.09
CA LEU B 108 -6.25 18.32 -35.18
C LEU B 108 -6.70 19.43 -36.13
N THR B 109 -6.53 20.67 -35.70
CA THR B 109 -6.87 21.84 -36.52
C THR B 109 -5.67 22.77 -36.67
N MET B 110 -5.46 23.28 -37.88
CA MET B 110 -4.40 24.28 -38.10
C MET B 110 -4.98 25.49 -38.81
N GLU B 111 -4.40 26.65 -38.53
CA GLU B 111 -4.83 27.91 -39.13
C GLU B 111 -3.59 28.67 -39.59
N TRP B 112 -3.74 29.45 -40.65
CA TRP B 112 -2.60 30.16 -41.22
C TRP B 112 -3.02 31.37 -42.07
N PRO B 113 -2.06 32.30 -42.35
CA PRO B 113 -2.16 33.30 -43.42
C PRO B 113 -2.08 32.71 -44.84
N PRO B 114 -2.65 33.41 -45.84
CA PRO B 114 -2.50 32.93 -47.22
C PRO B 114 -1.21 33.44 -47.87
N LYS B 115 -0.35 32.55 -48.39
CA LYS B 115 -0.47 31.11 -48.26
C LYS B 115 0.80 30.56 -47.62
N ALA B 116 0.94 30.85 -46.32
CA ALA B 116 2.13 30.47 -45.56
C ALA B 116 1.94 29.18 -44.74
N ALA B 117 1.08 28.27 -45.23
CA ALA B 117 0.82 26.97 -44.58
C ALA B 117 2.09 26.33 -44.04
N ALA B 118 3.14 26.34 -44.86
CA ALA B 118 4.41 25.74 -44.50
C ALA B 118 5.15 26.42 -43.33
N THR B 119 4.71 27.62 -42.94
CA THR B 119 5.35 28.36 -41.84
C THR B 119 4.79 27.92 -40.48
N THR B 120 3.82 27.01 -40.51
CA THR B 120 2.94 26.72 -39.36
C THR B 120 3.72 25.95 -38.32
N ARG B 121 3.74 26.46 -37.07
CA ARG B 121 4.53 25.82 -36.02
C ARG B 121 3.69 25.23 -34.87
N SER B 122 2.36 25.28 -34.98
CA SER B 122 1.52 24.60 -34.00
C SER B 122 0.16 24.13 -34.55
N ALA B 123 -0.49 23.23 -33.82
CA ALA B 123 -1.82 22.72 -34.15
C ALA B 123 -2.56 22.41 -32.85
N LYS B 124 -3.85 22.74 -32.84
CA LYS B 124 -4.74 22.40 -31.73
C LYS B 124 -5.30 20.98 -31.87
N VAL B 125 -5.27 20.23 -30.79
CA VAL B 125 -5.69 18.81 -30.79
C VAL B 125 -6.71 18.58 -29.67
N LYS B 126 -7.82 17.91 -29.99
CA LYS B 126 -8.88 17.59 -29.03
C LYS B 126 -9.16 16.09 -29.09
N PHE B 127 -9.44 15.51 -27.92
CA PHE B 127 -9.66 14.07 -27.78
C PHE B 127 -11.05 13.86 -27.19
N ALA B 128 -11.94 13.20 -27.92
CA ALA B 128 -13.32 13.03 -27.46
C ALA B 128 -13.78 11.66 -27.94
N THR B 129 -14.50 10.95 -27.09
CA THR B 129 -15.07 9.66 -27.48
C THR B 129 -16.45 9.90 -28.10
N TYR B 130 -16.75 9.09 -29.12
CA TYR B 130 -18.01 9.13 -29.83
C TYR B 130 -18.62 7.73 -29.76
N PHE B 131 -19.95 7.68 -29.78
CA PHE B 131 -20.69 6.42 -29.73
C PHE B 131 -20.60 5.73 -31.08
N LYS B 135 -23.84 10.45 -31.02
CA LYS B 135 -22.44 10.44 -31.40
C LYS B 135 -21.55 10.85 -30.23
N LEU B 136 -21.44 12.14 -29.99
CA LEU B 136 -20.55 12.66 -28.96
C LEU B 136 -20.83 12.03 -27.63
N ASP B 137 -19.84 11.44 -27.02
CA ASP B 137 -19.99 10.80 -25.75
C ASP B 137 -19.43 11.71 -24.66
N THR B 138 -18.11 11.87 -24.65
CA THR B 138 -17.42 12.73 -23.71
C THR B 138 -16.21 13.44 -24.33
N GLU B 139 -15.94 14.67 -23.94
CA GLU B 139 -14.70 15.36 -24.34
C GLU B 139 -13.66 15.18 -23.24
N HIS B 140 -12.54 14.55 -23.58
CA HIS B 140 -11.64 14.08 -22.51
C HIS B 140 -10.45 14.97 -22.23
N ALA B 141 -9.83 15.43 -23.30
CA ALA B 141 -8.55 16.13 -23.18
C ALA B 141 -8.28 16.99 -24.39
N SER B 142 -7.29 17.87 -24.27
CA SER B 142 -6.81 18.68 -25.39
C SER B 142 -5.32 18.97 -25.22
N CYS B 143 -4.66 19.29 -26.31
CA CYS B 143 -3.27 19.73 -26.23
C CYS B 143 -3.01 20.57 -27.47
N THR B 144 -1.84 21.19 -27.49
CA THR B 144 -1.34 21.87 -28.66
C THR B 144 -0.04 21.23 -29.07
N VAL B 145 0.00 20.67 -30.28
CA VAL B 145 1.30 20.18 -30.75
C VAL B 145 2.07 21.32 -31.36
N ARG B 146 3.37 21.33 -31.10
CA ARG B 146 4.28 22.38 -31.55
C ARG B 146 5.43 21.75 -32.34
N PHE B 147 5.77 22.38 -33.46
CA PHE B 147 6.90 21.95 -34.28
C PHE B 147 8.03 22.88 -33.83
N THR B 148 8.85 22.35 -32.93
CA THR B 148 9.67 23.17 -32.05
C THR B 148 11.15 23.16 -32.47
N SER B 149 11.95 24.01 -31.81
CA SER B 149 13.38 24.14 -32.09
C SER B 149 14.13 23.08 -31.27
N ASP B 150 15.44 22.94 -31.52
CA ASP B 150 16.24 22.03 -30.71
C ASP B 150 16.91 22.79 -29.56
N ALA B 151 16.48 24.03 -29.35
CA ALA B 151 17.05 24.87 -28.31
C ALA B 151 16.97 24.23 -26.93
N GLN B 152 15.80 23.71 -26.58
CA GLN B 152 15.68 23.05 -25.28
C GLN B 152 16.60 21.82 -25.19
N LEU B 153 16.57 20.98 -26.20
CA LEU B 153 17.48 19.82 -26.28
C LEU B 153 18.91 20.25 -26.03
N LYS B 154 19.35 21.31 -26.72
CA LYS B 154 20.73 21.76 -26.53
C LYS B 154 21.01 22.20 -25.10
N SER B 155 20.06 22.89 -24.49
CA SER B 155 20.17 23.28 -23.08
C SER B 155 20.22 22.07 -22.13
N LEU B 156 19.32 21.10 -22.34
CA LEU B 156 19.32 19.87 -21.55
C LEU B 156 20.64 19.13 -21.64
N ARG B 157 21.22 19.09 -22.84
CA ARG B 157 22.53 18.46 -23.01
C ARG B 157 23.61 19.08 -22.14
N ARG B 158 23.53 20.39 -21.94
CA ARG B 158 24.52 21.10 -21.13
C ARG B 158 24.30 20.85 -19.65
N SER B 159 23.07 20.50 -19.25
CA SER B 159 22.75 20.19 -17.86
C SER B 159 22.90 18.72 -17.50
N VAL B 160 23.25 17.85 -18.46
CA VAL B 160 23.29 16.40 -18.16
C VAL B 160 24.09 16.13 -16.89
N SER B 161 25.31 16.68 -16.83
CA SER B 161 26.15 16.44 -15.67
C SER B 161 25.48 16.89 -14.35
N GLU B 162 24.73 17.98 -14.38
CA GLU B 162 23.99 18.43 -13.19
C GLU B 162 22.84 17.46 -12.76
N TYR B 163 22.09 16.98 -13.74
CA TYR B 163 21.07 15.94 -13.50
C TYR B 163 21.71 14.67 -12.93
N LYS B 164 22.82 14.24 -13.52
CA LYS B 164 23.52 13.04 -13.07
C LYS B 164 23.99 13.21 -11.63
N THR B 165 24.33 14.44 -11.28
CA THR B 165 24.79 14.72 -9.93
C THR B 165 23.66 14.59 -8.90
N HIS B 166 22.49 15.13 -9.25
CA HIS B 166 21.32 15.01 -8.37
C HIS B 166 21.00 13.54 -8.14
N ILE B 167 21.06 12.76 -9.23
CA ILE B 167 20.79 11.32 -9.17
C ILE B 167 21.77 10.63 -8.26
N ARG B 168 23.06 10.89 -8.46
CA ARG B 168 24.11 10.29 -7.65
C ARG B 168 23.94 10.67 -6.18
N GLN B 169 23.54 11.90 -5.90
CA GLN B 169 23.34 12.36 -4.53
C GLN B 169 22.14 11.65 -3.87
N LEU B 170 21.14 11.33 -4.68
CA LEU B 170 20.01 10.57 -4.14
C LEU B 170 20.47 9.18 -3.74
N HIS B 171 21.25 8.51 -4.59
CA HIS B 171 21.79 7.18 -4.25
C HIS B 171 22.74 7.20 -3.04
N ASP B 172 23.53 8.26 -2.94
CA ASP B 172 24.46 8.42 -1.81
C ASP B 172 23.71 8.55 -0.50
N GLY B 173 22.63 9.30 -0.54
CA GLY B 173 21.76 9.50 0.61
C GLY B 173 21.09 8.20 1.02
N HIS B 174 20.64 7.41 0.04
CA HIS B 174 20.01 6.14 0.37
C HIS B 174 21.04 5.23 1.02
N ALA B 175 22.25 5.23 0.46
CA ALA B 175 23.36 4.44 1.00
C ALA B 175 23.77 4.85 2.42
N LYS B 176 23.35 6.04 2.88
CA LYS B 176 23.56 6.49 4.28
C LYS B 176 22.31 6.35 5.17
N GLY B 177 21.25 5.71 4.67
CA GLY B 177 20.05 5.59 5.47
C GLY B 177 19.13 6.80 5.47
N GLN B 178 19.36 7.76 4.56
CA GLN B 178 18.59 9.02 4.55
C GLN B 178 17.31 9.03 3.70
N PHE B 179 17.32 8.30 2.60
CA PHE B 179 16.18 8.36 1.63
C PHE B 179 15.68 6.96 1.39
N MET B 180 14.37 6.84 1.16
CA MET B 180 13.76 5.53 0.89
C MET B 180 14.16 5.03 -0.50
N ARG B 181 14.44 3.73 -0.66
CA ARG B 181 14.56 3.13 -1.99
C ARG B 181 13.54 2.02 -2.14
N TYR B 182 12.65 2.15 -3.12
CA TYR B 182 11.57 1.17 -3.34
C TYR B 182 11.92 0.22 -4.47
N ASN B 183 11.99 -1.09 -4.17
CA ASN B 183 11.99 -2.09 -5.27
C ASN B 183 10.69 -2.01 -6.04
N ARG B 184 10.68 -2.40 -7.31
CA ARG B 184 9.48 -2.35 -8.15
C ARG B 184 8.18 -2.80 -7.46
N LYS B 185 8.12 -4.06 -7.05
CA LYS B 185 6.86 -4.61 -6.50
C LYS B 185 6.40 -3.93 -5.20
N THR B 186 7.38 -3.53 -4.41
CA THR B 186 7.09 -2.86 -3.13
C THR B 186 6.55 -1.43 -3.41
N GLY B 187 7.13 -0.71 -4.39
CA GLY B 187 6.54 0.57 -4.81
C GLY B 187 5.09 0.42 -5.24
N TYR B 188 4.78 -0.56 -6.11
CA TYR B 188 3.39 -0.73 -6.54
C TYR B 188 2.45 -1.17 -5.37
N LYS B 189 2.99 -1.96 -4.45
CA LYS B 189 2.21 -2.35 -3.24
C LYS B 189 1.86 -1.07 -2.45
N LEU B 190 2.84 -0.17 -2.29
CA LEU B 190 2.61 1.08 -1.56
C LEU B 190 1.49 1.89 -2.19
N MET B 191 1.39 1.87 -3.52
CA MET B 191 0.35 2.61 -4.22
C MET B 191 -0.99 1.87 -4.34
N SER B 192 -1.01 0.58 -4.00
CA SER B 192 -2.14 -0.30 -4.43
C SER B 192 -3.53 0.01 -3.82
N SER B 193 -3.62 0.67 -2.67
CA SER B 193 -4.95 1.06 -2.20
C SER B 193 -5.53 2.22 -3.06
N MET B 194 -4.67 3.01 -3.68
CA MET B 194 -5.09 4.09 -4.58
C MET B 194 -5.36 3.64 -6.02
N ALA B 195 -4.39 2.96 -6.63
CA ALA B 195 -4.49 2.49 -7.99
C ALA B 195 -3.70 1.20 -8.18
N ARG B 196 -4.22 0.34 -9.03
CA ARG B 196 -3.45 -0.77 -9.52
C ARG B 196 -3.09 -0.49 -10.98
N PHE B 197 -2.08 -1.19 -11.48
CA PHE B 197 -1.56 -0.88 -12.81
C PHE B 197 -1.65 -2.11 -13.72
N ASN B 198 -2.05 -1.90 -14.98
CA ASN B 198 -1.84 -2.92 -16.03
C ASN B 198 -0.37 -3.40 -15.87
N PRO B 199 -0.12 -4.74 -15.84
CA PRO B 199 1.29 -5.16 -15.66
C PRO B 199 2.27 -4.59 -16.71
N ASP B 200 1.78 -4.32 -17.89
CA ASP B 200 2.60 -3.74 -18.96
C ASP B 200 3.02 -2.30 -18.66
N TYR B 201 2.35 -1.69 -17.69
CA TYR B 201 2.69 -0.35 -17.17
C TYR B 201 3.55 -0.38 -15.89
N MET B 202 3.81 -1.56 -15.33
CA MET B 202 4.60 -1.67 -14.11
C MET B 202 6.11 -1.74 -14.40
N LEU B 203 6.66 -0.58 -14.78
CA LEU B 203 7.97 -0.51 -15.44
C LEU B 203 8.97 0.20 -14.52
N LEU B 204 8.50 0.63 -13.36
CA LEU B 204 9.42 1.26 -12.41
C LEU B 204 10.23 0.21 -11.65
N ASP B 205 11.50 0.06 -12.02
CA ASP B 205 12.37 -0.99 -11.50
C ASP B 205 12.83 -0.67 -10.09
N TYR B 206 13.23 0.57 -9.84
CA TYR B 206 13.57 1.03 -8.48
C TYR B 206 13.27 2.53 -8.44
N LEU B 207 13.08 3.07 -7.23
CA LEU B 207 12.90 4.51 -7.11
C LEU B 207 13.47 4.97 -5.76
N VAL B 208 14.35 5.95 -5.78
CA VAL B 208 14.90 6.56 -4.58
C VAL B 208 14.21 7.93 -4.37
N LEU B 209 13.63 8.12 -3.18
CA LEU B 209 12.81 9.29 -2.91
C LEU B 209 13.34 10.11 -1.74
N ASN B 210 13.59 11.39 -2.01
CA ASN B 210 13.89 12.36 -0.96
C ASN B 210 12.56 13.08 -0.70
N GLU B 211 11.88 12.64 0.34
CA GLU B 211 10.55 13.07 0.62
C GLU B 211 10.42 14.56 0.92
N ALA B 212 11.44 15.13 1.54
CA ALA B 212 11.51 16.57 1.89
C ALA B 212 11.32 17.48 0.69
N GLU B 213 11.76 17.04 -0.49
CA GLU B 213 11.64 17.86 -1.71
C GLU B 213 10.85 17.18 -2.82
N ASN B 214 10.09 16.12 -2.47
CA ASN B 214 9.34 15.35 -3.48
C ASN B 214 10.25 15.04 -4.69
N GLU B 215 11.43 14.54 -4.41
CA GLU B 215 12.50 14.51 -5.40
C GLU B 215 12.89 13.08 -5.57
N ALA B 216 12.86 12.58 -6.81
CA ALA B 216 13.04 11.15 -7.04
C ALA B 216 13.99 10.87 -8.18
N ALA B 217 14.77 9.79 -8.03
CA ALA B 217 15.57 9.21 -9.14
C ALA B 217 15.08 7.77 -9.26
N SER B 218 14.74 7.36 -10.48
CA SER B 218 14.15 6.04 -10.69
C SER B 218 14.75 5.38 -11.92
N GLY B 219 14.91 4.07 -11.86
CA GLY B 219 15.25 3.29 -13.03
C GLY B 219 13.95 2.77 -13.60
N VAL B 220 13.70 3.08 -14.84
CA VAL B 220 12.52 2.56 -15.52
C VAL B 220 13.00 1.61 -16.57
N ASP B 221 12.46 0.39 -16.53
CA ASP B 221 13.01 -0.68 -17.38
C ASP B 221 11.88 -1.19 -18.26
N PHE B 222 11.87 -0.73 -19.51
CA PHE B 222 10.77 -1.11 -20.41
C PHE B 222 10.73 -2.60 -20.78
N SER B 223 11.82 -3.31 -20.54
CA SER B 223 11.86 -4.78 -20.72
C SER B 223 10.95 -5.54 -19.72
N LEU B 224 10.52 -4.84 -18.67
CA LEU B 224 9.68 -5.47 -17.64
C LEU B 224 8.23 -5.66 -18.03
N GLY B 225 7.82 -5.10 -19.15
CA GLY B 225 6.43 -5.25 -19.59
C GLY B 225 6.41 -5.74 -21.02
N SER B 226 5.23 -6.02 -21.55
CA SER B 226 5.10 -6.37 -22.95
C SER B 226 4.49 -5.20 -23.72
N SER B 227 5.02 -4.85 -24.89
CA SER B 227 4.59 -3.61 -25.54
C SER B 227 4.41 -3.85 -27.01
N GLU B 228 3.64 -4.88 -27.32
CA GLU B 228 3.50 -5.22 -28.69
C GLU B 228 2.58 -4.23 -29.37
N GLY B 229 2.99 -3.83 -30.57
CA GLY B 229 2.20 -2.98 -31.44
C GLY B 229 3.07 -1.95 -32.11
N THR B 230 2.43 -0.98 -32.73
CA THR B 230 3.17 0.13 -33.35
C THR B 230 2.66 1.44 -32.76
N PHE B 231 3.58 2.35 -32.44
CA PHE B 231 3.27 3.61 -31.74
C PHE B 231 4.26 4.68 -32.18
N ALA B 232 3.91 5.96 -31.94
CA ALA B 232 4.97 7.00 -31.88
C ALA B 232 5.73 6.99 -30.53
N ALA B 233 4.97 6.84 -29.43
CA ALA B 233 5.56 6.74 -28.08
C ALA B 233 4.64 5.84 -27.29
N HIS B 234 5.13 4.64 -26.91
CA HIS B 234 4.28 3.63 -26.33
C HIS B 234 3.62 4.20 -25.09
N PRO B 235 2.27 4.17 -25.00
CA PRO B 235 1.60 4.73 -23.82
C PRO B 235 2.07 4.17 -22.47
N ALA B 236 2.50 2.90 -22.43
CA ALA B 236 3.05 2.36 -21.17
C ALA B 236 4.36 3.00 -20.81
N HIS B 237 5.23 3.22 -21.80
CA HIS B 237 6.56 3.77 -21.59
C HIS B 237 6.47 5.19 -21.08
N VAL B 238 5.62 5.96 -21.73
CA VAL B 238 5.47 7.39 -21.32
C VAL B 238 4.71 7.51 -20.00
N ASP B 239 3.68 6.70 -19.79
CA ASP B 239 3.06 6.70 -18.46
C ASP B 239 4.09 6.35 -17.36
N ALA B 240 4.97 5.37 -17.60
CA ALA B 240 5.96 5.02 -16.56
C ALA B 240 6.80 6.25 -16.21
N ILE B 241 7.15 7.05 -17.22
CA ILE B 241 7.89 8.30 -16.89
C ILE B 241 7.10 9.19 -15.92
N THR B 242 5.82 9.41 -16.21
CA THR B 242 5.00 10.29 -15.36
C THR B 242 4.72 9.63 -14.01
N GLN B 243 4.70 8.28 -13.97
CA GLN B 243 4.54 7.58 -12.69
C GLN B 243 5.58 7.99 -11.66
N VAL B 244 6.80 8.28 -12.10
CA VAL B 244 7.85 8.64 -11.17
C VAL B 244 7.43 9.89 -10.35
N ALA B 245 6.92 10.90 -11.03
CA ALA B 245 6.47 12.14 -10.35
C ALA B 245 5.23 11.88 -9.48
N GLY B 246 4.29 11.06 -9.98
CA GLY B 246 3.06 10.70 -9.19
C GLY B 246 3.47 9.93 -7.93
N PHE B 247 4.39 8.98 -8.08
CA PHE B 247 4.92 8.27 -6.91
C PHE B 247 5.61 9.21 -5.91
N ALA B 248 6.43 10.15 -6.40
CA ALA B 248 7.14 11.07 -5.51
C ALA B 248 6.14 11.80 -4.61
N MET B 249 5.02 12.18 -5.19
CA MET B 249 4.00 12.90 -4.40
C MET B 249 3.26 11.98 -3.45
N ASN B 250 2.69 10.90 -4.00
CA ASN B 250 1.80 10.01 -3.24
C ASN B 250 2.48 9.12 -2.18
N ALA B 251 3.81 8.89 -2.35
CA ALA B 251 4.59 8.07 -1.44
C ALA B 251 5.15 8.88 -0.28
N ASN B 252 4.87 10.19 -0.27
CA ASN B 252 5.25 10.99 0.89
C ASN B 252 4.52 10.51 2.14
N ASP B 253 5.26 10.38 3.23
CA ASP B 253 4.71 9.85 4.53
C ASP B 253 3.50 10.68 5.01
N ASN B 254 3.52 11.97 4.67
CA ASN B 254 2.41 12.87 5.07
C ASN B 254 1.25 12.96 4.12
N VAL B 255 1.28 12.23 3.01
CA VAL B 255 0.13 12.16 2.16
C VAL B 255 -0.65 10.93 2.55
N ASP B 256 -1.89 11.11 3.03
CA ASP B 256 -2.74 9.96 3.40
C ASP B 256 -3.55 9.60 2.18
N ILE B 257 -3.16 8.53 1.48
CA ILE B 257 -3.85 8.19 0.24
C ILE B 257 -5.25 7.61 0.45
N GLU B 258 -5.67 7.38 1.69
CA GLU B 258 -7.09 7.05 1.93
C GLU B 258 -7.98 8.29 1.82
N LYS B 259 -7.36 9.47 1.87
CA LYS B 259 -8.11 10.74 1.90
C LYS B 259 -7.84 11.63 0.69
N GLN B 260 -6.56 11.79 0.37
CA GLN B 260 -6.13 12.69 -0.74
C GLN B 260 -5.13 11.97 -1.65
N VAL B 261 -5.29 12.08 -2.96
CA VAL B 261 -4.29 11.53 -3.90
C VAL B 261 -3.94 12.53 -5.00
N TYR B 262 -2.68 12.50 -5.43
CA TYR B 262 -2.22 13.31 -6.54
C TYR B 262 -2.41 12.59 -7.86
N VAL B 263 -3.14 13.23 -8.77
CA VAL B 263 -3.41 12.69 -10.12
C VAL B 263 -2.84 13.56 -11.23
N ASN B 264 -2.50 12.95 -12.38
CA ASN B 264 -1.89 13.69 -13.48
C ASN B 264 -2.95 14.49 -14.19
N HIS B 265 -2.70 15.79 -14.28
CA HIS B 265 -3.62 16.78 -14.77
C HIS B 265 -3.18 17.20 -16.19
N GLY B 266 -1.92 16.93 -16.49
CA GLY B 266 -1.39 17.30 -17.79
C GLY B 266 -0.03 17.89 -17.61
N TRP B 267 0.39 18.73 -18.55
CA TRP B 267 1.76 19.27 -18.57
C TRP B 267 1.88 20.38 -19.56
N ASP B 268 2.91 21.19 -19.39
CA ASP B 268 3.13 22.30 -20.30
C ASP B 268 3.85 21.88 -21.57
N SER B 269 4.77 20.94 -21.48
CA SER B 269 5.58 20.58 -22.62
C SER B 269 6.08 19.14 -22.47
N PHE B 270 6.15 18.42 -23.58
CA PHE B 270 6.69 17.03 -23.62
C PHE B 270 7.39 16.80 -24.95
N GLN B 271 8.69 16.52 -24.90
CA GLN B 271 9.51 16.26 -26.11
C GLN B 271 10.26 14.95 -25.91
N ILE B 272 10.35 14.17 -26.99
CA ILE B 272 11.12 12.93 -27.01
C ILE B 272 12.20 13.10 -28.05
N TYR B 273 13.44 12.82 -27.63
CA TYR B 273 14.61 13.07 -28.44
C TYR B 273 15.23 11.77 -28.96
N GLN B 274 14.91 10.63 -28.32
CA GLN B 274 15.49 9.29 -28.71
C GLN B 274 14.39 8.23 -28.62
N PRO B 275 14.47 7.13 -29.42
CA PRO B 275 13.46 6.06 -29.21
C PRO B 275 13.30 5.59 -27.78
N LEU B 276 12.06 5.35 -27.40
CA LEU B 276 11.77 4.67 -26.14
C LEU B 276 11.71 3.16 -26.40
N ASP B 277 12.88 2.53 -26.31
CA ASP B 277 13.16 1.17 -26.75
C ASP B 277 12.69 0.17 -25.72
N ASN B 278 11.86 -0.77 -26.13
CA ASN B 278 11.27 -1.71 -25.19
C ASN B 278 12.22 -2.78 -24.63
N SER B 279 13.49 -2.75 -25.02
CA SER B 279 14.50 -3.62 -24.41
C SER B 279 15.40 -2.87 -23.44
N LYS B 280 15.19 -1.56 -23.27
CA LYS B 280 16.11 -0.74 -22.54
C LYS B 280 15.52 -0.21 -21.21
N SER B 281 16.42 0.11 -20.29
CA SER B 281 16.11 0.83 -19.07
C SER B 281 16.68 2.25 -19.17
N TYR B 282 16.04 3.18 -18.46
CA TYR B 282 16.37 4.60 -18.52
C TYR B 282 16.40 5.16 -17.10
N GLN B 283 17.09 6.28 -16.91
CA GLN B 283 17.06 6.94 -15.62
C GLN B 283 16.12 8.14 -15.69
N VAL B 284 15.27 8.26 -14.68
CA VAL B 284 14.25 9.33 -14.66
C VAL B 284 14.46 10.14 -13.41
N TYR B 285 14.50 11.47 -13.52
CA TYR B 285 14.74 12.31 -12.33
C TYR B 285 13.70 13.44 -12.31
N THR B 286 13.14 13.71 -11.14
CA THR B 286 12.18 14.80 -10.94
C THR B 286 12.32 15.43 -9.56
N LYS B 287 12.12 16.75 -9.49
CA LYS B 287 11.95 17.42 -8.21
C LYS B 287 10.62 18.17 -8.32
N MET B 288 9.59 17.64 -7.68
CA MET B 288 8.24 18.19 -7.80
C MET B 288 8.05 19.37 -6.87
N GLY B 289 8.36 19.19 -5.60
CA GLY B 289 8.15 20.21 -4.60
C GLY B 289 6.69 20.44 -4.29
N GLN B 290 6.38 21.61 -3.77
CA GLN B 290 5.47 21.73 -2.64
C GLN B 290 4.10 22.26 -3.07
N ALA B 291 4.11 23.42 -3.72
CA ALA B 291 2.89 24.23 -3.85
C ALA B 291 1.64 23.67 -3.15
N ASN B 294 -3.56 26.53 -3.91
CA ASN B 294 -4.45 25.78 -4.82
C ASN B 294 -4.17 24.26 -4.77
N ASP B 295 -4.88 23.50 -5.59
CA ASP B 295 -4.76 22.04 -5.52
C ASP B 295 -3.67 21.44 -6.44
N LEU B 296 -2.71 22.26 -6.90
CA LEU B 296 -1.73 21.86 -7.95
C LEU B 296 -0.26 21.86 -7.53
N VAL B 297 0.49 20.88 -8.02
CA VAL B 297 1.95 20.91 -7.92
C VAL B 297 2.46 20.75 -9.32
N HIS B 298 3.64 21.28 -9.58
CA HIS B 298 4.18 21.10 -10.93
C HIS B 298 5.67 20.91 -10.83
N GLY B 299 6.27 20.35 -11.87
CA GLY B 299 7.71 20.23 -11.90
C GLY B 299 8.15 19.57 -13.19
N ASP B 300 9.45 19.45 -13.37
CA ASP B 300 10.00 18.87 -14.59
C ASP B 300 10.44 17.42 -14.36
N VAL B 301 10.40 16.64 -15.44
CA VAL B 301 10.84 15.23 -15.39
C VAL B 301 11.76 14.98 -16.56
N VAL B 302 13.01 14.58 -16.27
CA VAL B 302 13.98 14.33 -17.34
C VAL B 302 14.22 12.82 -17.45
N VAL B 303 14.44 12.36 -18.66
CA VAL B 303 14.73 10.94 -18.89
C VAL B 303 16.10 10.86 -19.55
N LEU B 304 17.00 10.06 -18.98
CA LEU B 304 18.37 9.91 -19.48
C LEU B 304 18.61 8.46 -19.90
N ASP B 305 19.56 8.27 -20.82
CA ASP B 305 20.04 6.94 -21.18
C ASP B 305 21.53 7.10 -21.03
N GLY B 306 22.02 6.87 -19.81
CA GLY B 306 23.42 7.13 -19.48
C GLY B 306 23.71 8.61 -19.57
N GLU B 307 24.59 9.01 -20.50
CA GLU B 307 24.86 10.41 -20.79
C GLU B 307 23.87 11.10 -21.77
N GLN B 308 22.98 10.36 -22.42
CA GLN B 308 22.15 10.96 -23.46
C GLN B 308 20.81 11.46 -22.94
N ILE B 309 20.37 12.62 -23.42
CA ILE B 309 19.02 13.13 -23.09
C ILE B 309 17.97 12.42 -23.98
N VAL B 310 16.99 11.75 -23.34
CA VAL B 310 16.04 10.92 -24.07
C VAL B 310 14.69 11.62 -24.21
N ALA B 311 14.24 12.24 -23.12
CA ALA B 311 12.95 12.94 -23.11
C ALA B 311 12.85 13.91 -21.93
N PHE B 312 11.87 14.82 -22.00
CA PHE B 312 11.72 15.84 -20.95
C PHE B 312 10.26 16.28 -20.88
N PHE B 313 9.68 16.19 -19.69
CA PHE B 313 8.44 16.90 -19.40
C PHE B 313 8.80 18.19 -18.71
N ARG B 314 8.27 19.30 -19.24
CA ARG B 314 8.40 20.57 -18.57
C ARG B 314 7.04 20.93 -17.97
N GLY B 315 7.02 21.20 -16.68
CA GLY B 315 5.80 21.65 -16.01
C GLY B 315 4.71 20.59 -16.00
N LEU B 316 5.12 19.35 -15.73
CA LEU B 316 4.16 18.28 -15.41
C LEU B 316 3.34 18.71 -14.19
N THR B 317 2.03 18.56 -14.27
CA THR B 317 1.13 19.10 -13.27
C THR B 317 0.29 17.98 -12.67
N LEU B 318 0.32 17.92 -11.35
CA LEU B 318 -0.47 16.96 -10.61
C LEU B 318 -1.43 17.75 -9.73
N ARG B 319 -2.66 17.24 -9.66
CA ARG B 319 -3.74 17.85 -8.87
C ARG B 319 -4.06 16.99 -7.67
N SER B 320 -4.14 17.58 -6.49
CA SER B 320 -4.59 16.89 -5.29
C SER B 320 -6.10 16.68 -5.37
N VAL B 321 -6.55 15.43 -5.40
CA VAL B 321 -8.00 15.14 -5.37
C VAL B 321 -8.45 14.25 -4.21
N PRO B 322 -9.67 14.50 -3.68
CA PRO B 322 -10.14 13.62 -2.60
C PRO B 322 -10.28 12.20 -3.10
N ARG B 323 -9.75 11.25 -2.33
CA ARG B 323 -9.80 9.83 -2.69
C ARG B 323 -11.23 9.36 -2.86
N GLY B 324 -12.09 9.80 -1.94
CA GLY B 324 -13.49 9.38 -1.85
C GLY B 324 -14.37 10.00 -2.93
N ALA B 325 -14.25 11.31 -3.12
CA ALA B 325 -14.89 12.00 -4.26
C ALA B 325 -14.35 11.54 -5.64
N LEU B 326 -13.08 11.16 -5.71
CA LEU B 326 -12.57 10.55 -6.95
C LEU B 326 -13.40 9.30 -7.24
N ARG B 327 -13.62 8.52 -6.17
CA ARG B 327 -14.33 7.23 -6.23
C ARG B 327 -15.73 7.47 -6.82
N VAL B 328 -16.42 8.43 -6.21
CA VAL B 328 -17.77 8.88 -6.59
C VAL B 328 -17.88 9.26 -8.06
N VAL B 329 -17.03 10.18 -8.51
CA VAL B 329 -17.06 10.69 -9.89
C VAL B 329 -16.82 9.56 -10.89
N LEU B 330 -15.84 8.70 -10.58
CA LEU B 330 -15.51 7.54 -11.43
C LEU B 330 -16.66 6.53 -11.55
N GLN B 331 -17.47 6.43 -10.48
CA GLN B 331 -18.68 5.57 -10.47
C GLN B 331 -19.95 6.31 -10.97
N THR B 332 -19.86 7.63 -11.11
CA THR B 332 -20.92 8.46 -11.71
C THR B 332 -20.83 8.41 -13.24
O21 HC8 C . -8.10 -10.44 12.95
C19 HC8 C . -7.87 -10.41 11.73
C20 HC8 C . -7.28 -9.16 11.19
C18 HC8 C . -8.23 -11.53 10.75
C5 HC8 C . -7.99 -11.44 9.36
C4 HC8 C . -7.39 -10.25 8.61
C2 HC8 C . -6.03 -9.65 9.03
O3 HC8 C . -5.90 -8.41 9.05
C1 HC8 C . -4.83 -10.55 9.34
C16 HC8 C . -8.82 -12.69 11.27
O17 HC8 C . -9.05 -12.79 12.63
C15 HC8 C . -9.20 -13.77 10.43
C7 HC8 C . -8.96 -13.65 9.04
C6 HC8 C . -8.38 -12.50 8.53
C13 HC8 C . -9.78 -14.96 10.93
O14 HC8 C . -10.03 -15.15 12.27
C12 HC8 C . -10.13 -15.99 10.04
C9 HC8 C . -9.90 -15.87 8.66
C8 HC8 C . -9.30 -14.70 8.17
O10 HC8 C . -10.26 -16.93 7.81
C11 HC8 C . -10.63 -16.69 6.44
O21 HC8 D . -5.16 7.49 -13.50
C19 HC8 D . -5.86 8.15 -14.27
C20 HC8 D . -5.63 8.02 -15.76
C18 HC8 D . -6.90 9.06 -13.65
C5 HC8 D . -7.18 8.97 -12.27
C4 HC8 D . -6.53 7.98 -11.30
C2 HC8 D . -5.00 7.88 -11.17
O3 HC8 D . -4.49 6.76 -11.09
C1 HC8 D . -4.12 9.11 -11.02
C16 HC8 D . -7.60 10.00 -14.44
O17 HC8 D . -7.36 10.14 -15.79
C15 HC8 D . -8.58 10.84 -13.86
C7 HC8 D . -8.83 10.72 -12.48
C6 HC8 D . -8.14 9.79 -11.70
C13 HC8 D . -9.29 11.82 -14.61
O14 HC8 D . -9.07 12.01 -15.97
C12 HC8 D . -10.22 12.62 -13.97
C9 HC8 D . -10.51 12.48 -12.60
C8 HC8 D . -9.79 11.55 -11.87
O10 HC8 D . -11.46 13.30 -11.99
C11 HC8 D . -12.24 12.84 -10.88
#